data_4BY8
# 
_entry.id   4BY8 
# 
_audit_conform.dict_name       mmcif_pdbx.dic 
_audit_conform.dict_version    5.403 
_audit_conform.dict_location   http://mmcif.pdb.org/dictionaries/ascii/mmcif_pdbx.dic 
# 
loop_
_database_2.database_id 
_database_2.database_code 
_database_2.pdbx_database_accession 
_database_2.pdbx_DOI 
PDB   4BY8         pdb_00004by8 10.2210/pdb4by8/pdb 
PDBE  EBI-57705    ?            ?                   
WWPDB D_1290057705 ?            ?                   
# 
loop_
_pdbx_audit_revision_history.ordinal 
_pdbx_audit_revision_history.data_content_type 
_pdbx_audit_revision_history.major_revision 
_pdbx_audit_revision_history.minor_revision 
_pdbx_audit_revision_history.revision_date 
_pdbx_audit_revision_history.part_number 
1 'Structure model' 1 0 2013-08-21 ? 
2 'Structure model' 1 1 2013-08-28 ? 
3 'Structure model' 1 2 2013-10-02 ? 
4 'Structure model' 1 3 2019-04-17 ? 
5 'Structure model' 1 4 2025-04-09 ? 
# 
_pdbx_audit_revision_details.ordinal             1 
_pdbx_audit_revision_details.revision_ordinal    1 
_pdbx_audit_revision_details.data_content_type   'Structure model' 
_pdbx_audit_revision_details.provider            repository 
_pdbx_audit_revision_details.type                'Initial release' 
_pdbx_audit_revision_details.description         ? 
_pdbx_audit_revision_details.details             ? 
# 
loop_
_pdbx_audit_revision_group.ordinal 
_pdbx_audit_revision_group.revision_ordinal 
_pdbx_audit_revision_group.data_content_type 
_pdbx_audit_revision_group.group 
1  2 'Structure model' 'Atomic model'             
2  2 'Structure model' 'Source and taxonomy'      
3  3 'Structure model' 'Database references'      
4  4 'Structure model' 'Data collection'          
5  4 'Structure model' 'Derived calculations'     
6  4 'Structure model' 'Experimental preparation' 
7  4 'Structure model' Other                      
8  4 'Structure model' 'Structure summary'        
9  5 'Structure model' 'Data collection'          
10 5 'Structure model' 'Database references'      
11 5 'Structure model' 'Experimental preparation' 
12 5 'Structure model' Other                      
13 5 'Structure model' 'Structure summary'        
# 
loop_
_pdbx_audit_revision_category.ordinal 
_pdbx_audit_revision_category.revision_ordinal 
_pdbx_audit_revision_category.data_content_type 
_pdbx_audit_revision_category.category 
1  4 'Structure model' chem_comp                 
2  4 'Structure model' exptl_crystal_grow        
3  4 'Structure model' pdbx_database_proc        
4  4 'Structure model' pdbx_database_status      
5  4 'Structure model' struct_biol               
6  4 'Structure model' struct_conn               
7  5 'Structure model' chem_comp_atom            
8  5 'Structure model' chem_comp_bond            
9  5 'Structure model' database_2                
10 5 'Structure model' exptl_crystal_grow        
11 5 'Structure model' pdbx_database_status      
12 5 'Structure model' pdbx_entry_details        
13 5 'Structure model' pdbx_modification_feature 
# 
loop_
_pdbx_audit_revision_item.ordinal 
_pdbx_audit_revision_item.revision_ordinal 
_pdbx_audit_revision_item.data_content_type 
_pdbx_audit_revision_item.item 
1  4 'Structure model' '_chem_comp.pdbx_synonyms'                     
2  4 'Structure model' '_exptl_crystal_grow.method'                   
3  4 'Structure model' '_exptl_crystal_grow.temp'                     
4  4 'Structure model' '_pdbx_database_status.recvd_author_approval'  
5  4 'Structure model' '_struct_conn.pdbx_leaving_atom_flag'          
6  5 'Structure model' '_database_2.pdbx_DOI'                         
7  5 'Structure model' '_database_2.pdbx_database_accession'          
8  5 'Structure model' '_exptl_crystal_grow.method'                   
9  5 'Structure model' '_pdbx_database_status.status_code_sf'         
10 5 'Structure model' '_pdbx_entry_details.has_protein_modification' 
# 
_pdbx_database_status.status_code                     REL 
_pdbx_database_status.entry_id                        4BY8 
_pdbx_database_status.deposit_site                    PDBE 
_pdbx_database_status.process_site                    PDBE 
_pdbx_database_status.SG_entry                        . 
_pdbx_database_status.recvd_initial_deposition_date   2013-07-18 
_pdbx_database_status.pdb_format_compatible           Y 
_pdbx_database_status.status_code_sf                  REL 
_pdbx_database_status.status_code_mr                  ? 
_pdbx_database_status.status_code_cs                  ? 
_pdbx_database_status.methods_development_category    ? 
_pdbx_database_status.status_code_nmr_data            ? 
# 
loop_
_pdbx_database_related.db_name 
_pdbx_database_related.db_id 
_pdbx_database_related.content_type 
_pdbx_database_related.details 
PDB 1AMT unspecified 'RELATED ENTRIES' 
PDB 1M24 unspecified .                 
# 
loop_
_audit_author.name 
_audit_author.pdbx_ordinal 
'Gessmann, R.' 1 
'Petratos, K.' 2 
# 
_citation.id                        primary 
_citation.title                     'Microheterogeneous Paracelsin-X from Trichoderma Reesei' 
_citation.journal_abbrev            'To be Published' 
_citation.journal_volume            ? 
_citation.page_first                ? 
_citation.page_last                 ? 
_citation.year                      ? 
_citation.journal_id_ASTM           ? 
_citation.country                   ? 
_citation.journal_id_ISSN           ? 
_citation.journal_id_CSD            0353 
_citation.book_publisher            ? 
_citation.pdbx_database_id_PubMed   ? 
_citation.pdbx_database_id_DOI      ? 
# 
loop_
_citation_author.citation_id 
_citation_author.name 
_citation_author.ordinal 
_citation_author.identifier_ORCID 
primary 'Gessmann, R.' 1 ? 
primary 'Petratos, K.' 2 ? 
# 
loop_
_entity.id 
_entity.type 
_entity.src_method 
_entity.pdbx_description 
_entity.formula_weight 
_entity.pdbx_number_of_molecules 
_entity.pdbx_ec 
_entity.pdbx_mutation 
_entity.pdbx_fragment 
_entity.details 
1 polymer     nat PARACELSIN-X 1907.262 1 ? ? ? ? 
2 non-polymer syn METHANOL     32.042   1 ? ? ? ? 
3 water       nat water        18.015   3 ? ? ? ? 
# 
_entity_poly.entity_id                      1 
_entity_poly.type                           'polypeptide(L)' 
_entity_poly.nstd_linkage                   no 
_entity_poly.nstd_monomer                   yes 
_entity_poly.pdbx_seq_one_letter_code       '(ACE)(AIB)A(AIB)(AIB)(AIB)AQ(AIB)V(AIB)G(AIB)(AIB)PV(AIB)(AIB)QQ(PHL)' 
_entity_poly.pdbx_seq_one_letter_code_can   XAAAAAAQAVAGAAPVAAQQF 
_entity_poly.pdbx_strand_id                 A 
_entity_poly.pdbx_target_identifier         ? 
# 
loop_
_pdbx_entity_nonpoly.entity_id 
_pdbx_entity_nonpoly.name 
_pdbx_entity_nonpoly.comp_id 
2 METHANOL MOH 
3 water    HOH 
# 
loop_
_entity_poly_seq.entity_id 
_entity_poly_seq.num 
_entity_poly_seq.mon_id 
_entity_poly_seq.hetero 
1 1  ACE n 
1 2  AIB n 
1 3  ALA n 
1 4  AIB n 
1 5  AIB y 
1 5  ALA y 
1 6  AIB n 
1 7  ALA y 
1 7  AIB y 
1 8  GLN n 
1 9  AIB n 
1 10 VAL y 
1 10 ILE y 
1 11 AIB n 
1 12 GLY n 
1 13 AIB n 
1 14 AIB n 
1 15 PRO n 
1 16 VAL y 
1 16 ILE y 
1 17 AIB n 
1 18 AIB n 
1 19 GLN n 
1 20 GLN n 
1 21 PHL n 
# 
_entity_src_nat.entity_id                  1 
_entity_src_nat.pdbx_src_id                1 
_entity_src_nat.pdbx_alt_source_flag       sample 
_entity_src_nat.pdbx_beg_seq_num           ? 
_entity_src_nat.pdbx_end_seq_num           ? 
_entity_src_nat.common_name                ? 
_entity_src_nat.pdbx_organism_scientific   'TRICHODERMA REESEI' 
_entity_src_nat.pdbx_ncbi_taxonomy_id      51453 
_entity_src_nat.genus                      ? 
_entity_src_nat.species                    ? 
_entity_src_nat.strain                     QM9414 
_entity_src_nat.tissue                     ? 
_entity_src_nat.tissue_fraction            ? 
_entity_src_nat.pdbx_secretion             ? 
_entity_src_nat.pdbx_fragment              ? 
_entity_src_nat.pdbx_variant               ? 
_entity_src_nat.pdbx_cell_line             ? 
_entity_src_nat.pdbx_atcc                  ? 
_entity_src_nat.pdbx_cellular_location     ? 
_entity_src_nat.pdbx_organ                 ? 
_entity_src_nat.pdbx_organelle             ? 
_entity_src_nat.pdbx_cell                  ? 
_entity_src_nat.pdbx_plasmid_name          ? 
_entity_src_nat.pdbx_plasmid_details       ? 
_entity_src_nat.details                    ? 
# 
loop_
_chem_comp.id 
_chem_comp.type 
_chem_comp.mon_nstd_flag 
_chem_comp.name 
_chem_comp.pdbx_synonyms 
_chem_comp.formula 
_chem_comp.formula_weight 
ACE non-polymer         . 'ACETYL GROUP'               ?                              'C2 H4 O'      44.053  
AIB 'L-peptide linking' n 'ALPHA-AMINOISOBUTYRIC ACID' ?                              'C4 H9 N O2'   103.120 
ALA 'L-peptide linking' y ALANINE                      ?                              'C3 H7 N O2'   89.093  
GLN 'L-peptide linking' y GLUTAMINE                    ?                              'C5 H10 N2 O3' 146.144 
GLY 'peptide linking'   y GLYCINE                      ?                              'C2 H5 N O2'   75.067  
HOH non-polymer         . WATER                        ?                              'H2 O'         18.015  
ILE 'L-peptide linking' y ISOLEUCINE                   ?                              'C6 H13 N O2'  131.173 
MOH non-polymer         . METHANOL                     ?                              'C H4 O'       32.042  
PHL 'L-peptide linking' n L-PHENYLALANINOL             'bound form of Phenylalaninal' 'C9 H13 N O'   151.206 
PRO 'L-peptide linking' y PROLINE                      ?                              'C5 H9 N O2'   115.130 
VAL 'L-peptide linking' y VALINE                       ?                              'C5 H11 N O2'  117.146 
# 
loop_
_pdbx_poly_seq_scheme.asym_id 
_pdbx_poly_seq_scheme.entity_id 
_pdbx_poly_seq_scheme.seq_id 
_pdbx_poly_seq_scheme.mon_id 
_pdbx_poly_seq_scheme.ndb_seq_num 
_pdbx_poly_seq_scheme.pdb_seq_num 
_pdbx_poly_seq_scheme.auth_seq_num 
_pdbx_poly_seq_scheme.pdb_mon_id 
_pdbx_poly_seq_scheme.auth_mon_id 
_pdbx_poly_seq_scheme.pdb_strand_id 
_pdbx_poly_seq_scheme.pdb_ins_code 
_pdbx_poly_seq_scheme.hetero 
A 1 1  ACE 1  0  0  ACE ACE A . n 
A 1 2  AIB 2  1  1  AIB AIB A . n 
A 1 3  ALA 3  2  2  ALA ALA A . n 
A 1 4  AIB 4  3  3  AIB AIB A . n 
A 1 5  AIB 5  4  4  AIB AIB A . y 
A 1 5  ALA 5  4  4  ALA ALA A . y 
A 1 6  AIB 6  5  5  AIB AIB A . n 
A 1 7  ALA 7  6  6  ALA ALA A . y 
A 1 7  AIB 7  6  6  AIB AIB A . y 
A 1 8  GLN 8  7  7  GLN GLN A . n 
A 1 9  AIB 9  8  8  AIB AIB A . n 
A 1 10 VAL 10 9  9  VAL VAL A . y 
A 1 10 ILE 10 9  9  ILE ILE A . y 
A 1 11 AIB 11 10 10 AIB AIB A . n 
A 1 12 GLY 12 11 11 GLY GLY A . n 
A 1 13 AIB 13 12 12 AIB AIB A . n 
A 1 14 AIB 14 13 13 AIB AIB A . n 
A 1 15 PRO 15 14 14 PRO PRO A . n 
A 1 16 VAL 16 15 15 VAL VAL A . y 
A 1 16 ILE 16 15 15 ILE ILE A . y 
A 1 17 AIB 17 16 16 AIB AIB A . n 
A 1 18 AIB 18 17 17 AIB AIB A . n 
A 1 19 GLN 19 18 18 GLN GLN A . n 
A 1 20 GLN 20 19 19 GLN GLN A . n 
A 1 21 PHL 21 20 20 PHL PHL A . n 
# 
loop_
_pdbx_nonpoly_scheme.asym_id 
_pdbx_nonpoly_scheme.entity_id 
_pdbx_nonpoly_scheme.mon_id 
_pdbx_nonpoly_scheme.ndb_seq_num 
_pdbx_nonpoly_scheme.pdb_seq_num 
_pdbx_nonpoly_scheme.auth_seq_num 
_pdbx_nonpoly_scheme.pdb_mon_id 
_pdbx_nonpoly_scheme.auth_mon_id 
_pdbx_nonpoly_scheme.pdb_strand_id 
_pdbx_nonpoly_scheme.pdb_ins_code 
B 2 MOH 1 25   25   MOH MOH A . 
C 3 HOH 1 2001 2001 HOH HOH A . 
C 3 HOH 2 2002 2002 HOH HOH A . 
C 3 HOH 3 2003 2003 HOH HOH A . 
# 
loop_
_software.name 
_software.classification 
_software.version 
_software.citation_id 
_software.pdbx_ordinal 
_software.date 
_software.type 
_software.location 
_software.language 
SHELXL-97 refinement       . ? 1 ? ? ? ? 
MOSFLM    'data reduction' . ? 2 ? ? ? ? 
SCALA     'data scaling'   . ? 3 ? ? ? ? 
SnB       phasing          . ? 4 ? ? ? ? 
# 
_cell.entry_id           4BY8 
_cell.length_a           22.020 
_cell.length_b           22.020 
_cell.length_c           42.150 
_cell.angle_alpha        90.00 
_cell.angle_beta         90.00 
_cell.angle_gamma        120.00 
_cell.Z_PDB              6 
_cell.pdbx_unique_axis   ? 
# 
_symmetry.entry_id                         4BY8 
_symmetry.space_group_name_H-M             'P 31 1 2' 
_symmetry.pdbx_full_space_group_name_H-M   ? 
_symmetry.cell_setting                     ? 
_symmetry.Int_Tables_number                151 
# 
_exptl.entry_id          4BY8 
_exptl.method            'X-RAY DIFFRACTION' 
_exptl.crystals_number   1 
# 
_exptl_crystal.id                    1 
_exptl_crystal.density_meas          ? 
_exptl_crystal.density_Matthews      1.55 
_exptl_crystal.density_percent_sol   20.47 
_exptl_crystal.description           NONE 
_exptl_crystal.preparation           ? 
# 
_exptl_crystal_grow.crystal_id      1 
_exptl_crystal_grow.method          EVAPORATION 
_exptl_crystal_grow.temp            294 
_exptl_crystal_grow.temp_details    ? 
_exptl_crystal_grow.pH              ? 
_exptl_crystal_grow.pdbx_pH_range   ? 
_exptl_crystal_grow.pdbx_details    'SLOW EVAPORATION AT ROOM TEMPERATURE' 
# 
_diffrn.id                               1 
_diffrn.ambient_temp                     100 
_diffrn.ambient_temp_details             ? 
_diffrn.crystal_id                       1 
_diffrn.pdbx_serial_crystal_experiment   ? 
# 
_diffrn_detector.diffrn_id              1 
_diffrn_detector.detector               CCD 
_diffrn_detector.type                   MARRESEARCH 
_diffrn_detector.pdbx_collection_date   2013-03-06 
_diffrn_detector.details                ? 
# 
_diffrn_radiation.diffrn_id                        1 
_diffrn_radiation.wavelength_id                    1 
_diffrn_radiation.pdbx_monochromatic_or_laue_m_l   M 
_diffrn_radiation.monochromator                    ? 
_diffrn_radiation.pdbx_diffrn_protocol             'SINGLE WAVELENGTH' 
_diffrn_radiation.pdbx_scattering_type             x-ray 
# 
_diffrn_radiation_wavelength.id           1 
_diffrn_radiation_wavelength.wavelength   0.8729 
_diffrn_radiation_wavelength.wt           1.0 
# 
_diffrn_source.diffrn_id                   1 
_diffrn_source.source                      SYNCHROTRON 
_diffrn_source.type                        'ESRF BEAMLINE ID23-2' 
_diffrn_source.pdbx_synchrotron_site       ESRF 
_diffrn_source.pdbx_synchrotron_beamline   ID23-2 
_diffrn_source.pdbx_wavelength             0.8729 
_diffrn_source.pdbx_wavelength_list        ? 
# 
_reflns.pdbx_diffrn_id               1 
_reflns.pdbx_ordinal                 1 
_reflns.entry_id                     4BY8 
_reflns.observed_criterion_sigma_I   2.0 
_reflns.observed_criterion_sigma_F   ? 
_reflns.d_resolution_low             11.31 
_reflns.d_resolution_high            0.94 
_reflns.number_obs                   7699 
_reflns.number_all                   ? 
_reflns.percent_possible_obs         98.4 
_reflns.pdbx_Rmerge_I_obs            0.12 
_reflns.pdbx_Rsym_value              ? 
_reflns.pdbx_netI_over_sigmaI        6.30 
_reflns.B_iso_Wilson_estimate        ? 
_reflns.pdbx_redundancy              3.3 
# 
_reflns_shell.pdbx_diffrn_id         1 
_reflns_shell.pdbx_ordinal           1 
_reflns_shell.d_res_high             0.94 
_reflns_shell.d_res_low              0.99 
_reflns_shell.percent_possible_all   100.0 
_reflns_shell.Rmerge_I_obs           0.49 
_reflns_shell.pdbx_Rsym_value        ? 
_reflns_shell.meanI_over_sigI_obs    2.00 
_reflns_shell.pdbx_redundancy        3.2 
# 
_refine.pdbx_refine_id                           'X-RAY DIFFRACTION' 
_refine.entry_id                                 4BY8 
_refine.pdbx_diffrn_id                           1 
_refine.pdbx_TLS_residual_ADP_flag               ? 
_refine.ls_number_reflns_obs                     ? 
_refine.ls_number_reflns_all                     7699 
_refine.pdbx_ls_sigma_I                          ? 
_refine.pdbx_ls_sigma_F                          0 
_refine.pdbx_data_cutoff_high_absF               ? 
_refine.pdbx_data_cutoff_low_absF                ? 
_refine.pdbx_data_cutoff_high_rms_absF           ? 
_refine.ls_d_res_low                             11.31 
_refine.ls_d_res_high                            0.94 
_refine.ls_percent_reflns_obs                    98.4 
_refine.ls_R_factor_obs                          0.164 
_refine.ls_R_factor_all                          0.166 
_refine.ls_R_factor_R_work                       ? 
_refine.ls_R_factor_R_free                       0.217 
_refine.ls_R_factor_R_free_error                 ? 
_refine.ls_R_factor_R_free_error_details         ? 
_refine.ls_percent_reflns_R_free                 5 
_refine.ls_number_reflns_R_free                  379 
_refine.ls_number_parameters                     1305 
_refine.ls_number_restraints                     1321 
_refine.occupancy_min                            ? 
_refine.occupancy_max                            ? 
_refine.correlation_coeff_Fo_to_Fc               ? 
_refine.correlation_coeff_Fo_to_Fc_free          ? 
_refine.B_iso_mean                               ? 
_refine.aniso_B[1][1]                            ? 
_refine.aniso_B[2][2]                            ? 
_refine.aniso_B[3][3]                            ? 
_refine.aniso_B[1][2]                            ? 
_refine.aniso_B[1][3]                            ? 
_refine.aniso_B[2][3]                            ? 
_refine.solvent_model_details                    MOEWS,KRETSINGER 
_refine.solvent_model_param_ksol                 ? 
_refine.solvent_model_param_bsol                 ? 
_refine.pdbx_solvent_vdw_probe_radii             ? 
_refine.pdbx_solvent_ion_probe_radii             ? 
_refine.pdbx_solvent_shrinkage_radii             ? 
_refine.pdbx_ls_cross_valid_method               THROUGHOUT 
_refine.details                                  ? 
_refine.pdbx_starting_model                      NONE 
_refine.pdbx_method_to_determine_struct          'DIRECT METHODS' 
_refine.pdbx_isotropic_thermal_model             ? 
_refine.pdbx_stereochemistry_target_values       ? 
_refine.pdbx_stereochem_target_val_spec_case     ? 
_refine.pdbx_R_Free_selection_details            RANDOM 
_refine.pdbx_overall_ESU_R                       ? 
_refine.pdbx_overall_ESU_R_Free                  ? 
_refine.overall_SU_ML                            ? 
_refine.pdbx_overall_phase_error                 ? 
_refine.overall_SU_B                             ? 
_refine.overall_SU_R_Cruickshank_DPI             ? 
_refine.pdbx_overall_SU_R_free_Cruickshank_DPI   ? 
_refine.pdbx_overall_SU_R_Blow_DPI               ? 
_refine.pdbx_overall_SU_R_free_Blow_DPI          ? 
# 
_refine_analyze.pdbx_refine_id                  'X-RAY DIFFRACTION' 
_refine_analyze.entry_id                        4BY8 
_refine_analyze.Luzzati_coordinate_error_obs    ? 
_refine_analyze.Luzzati_sigma_a_obs             ? 
_refine_analyze.Luzzati_d_res_low_obs           ? 
_refine_analyze.Luzzati_coordinate_error_free   ? 
_refine_analyze.Luzzati_sigma_a_free            ? 
_refine_analyze.Luzzati_d_res_low_free          ? 
_refine_analyze.number_disordered_residues      4 
_refine_analyze.occupancy_sum_hydrogen          147 
_refine_analyze.occupancy_sum_non_hydrogen      139.5 
# 
_refine_hist.pdbx_refine_id                   'X-RAY DIFFRACTION' 
_refine_hist.cycle_id                         LAST 
_refine_hist.pdbx_number_atoms_protein        163 
_refine_hist.pdbx_number_atoms_nucleic_acid   0 
_refine_hist.pdbx_number_atoms_ligand         2 
_refine_hist.number_atoms_solvent             3 
_refine_hist.number_atoms_total               168 
_refine_hist.d_res_high                       0.94 
_refine_hist.d_res_low                        11.31 
# 
loop_
_refine_ls_restr.type 
_refine_ls_restr.dev_ideal 
_refine_ls_restr.dev_ideal_target 
_refine_ls_restr.weight 
_refine_ls_restr.number 
_refine_ls_restr.pdbx_refine_id 
_refine_ls_restr.pdbx_restraint_function 
s_bond_d               0.022 ? ? ? 'X-RAY DIFFRACTION' ? 
s_angle_d              0.05  ? ? ? 'X-RAY DIFFRACTION' ? 
s_similar_dist         ?     ? ? ? 'X-RAY DIFFRACTION' ? 
s_from_restr_planes    0.43  ? ? ? 'X-RAY DIFFRACTION' ? 
s_zero_chiral_vol      ?     ? ? ? 'X-RAY DIFFRACTION' ? 
s_non_zero_chiral_vol  ?     ? ? ? 'X-RAY DIFFRACTION' ? 
s_anti_bump_dis_restr  0.033 ? ? ? 'X-RAY DIFFRACTION' ? 
s_rigid_bond_adp_cmpnt 0.07  ? ? ? 'X-RAY DIFFRACTION' ? 
s_similar_adp_cmpnt    0.04  ? ? ? 'X-RAY DIFFRACTION' ? 
s_approx_iso_adps      0.06  ? ? ? 'X-RAY DIFFRACTION' ? 
# 
_pdbx_refine.pdbx_refine_id                              'X-RAY DIFFRACTION' 
_pdbx_refine.entry_id                                    4BY8 
_pdbx_refine.R_factor_all_no_cutoff                      0.166 
_pdbx_refine.R_factor_obs_no_cutoff                      0.164 
_pdbx_refine.free_R_factor_no_cutoff                     0.217 
_pdbx_refine.free_R_error_no_cutoff                      ? 
_pdbx_refine.free_R_val_test_set_size_perc_no_cutoff     5 
_pdbx_refine.free_R_val_test_set_ct_no_cutoff            379 
_pdbx_refine.R_factor_all_4sig_cutoff                    0.158 
_pdbx_refine.R_factor_obs_4sig_cutoff                    0.156 
_pdbx_refine.free_R_factor_4sig_cutoff                   0.204 
_pdbx_refine.free_R_val_test_set_size_perc_4sig_cutoff   5 
_pdbx_refine.free_R_val_test_set_ct_4sig_cutoff          285 
_pdbx_refine.number_reflns_obs_4sig_cutoff               5530 
# 
_struct.entry_id                  4BY8 
_struct.title                     'Microheterogeneous Paracelsin-X from Trichoderma reesei' 
_struct.pdbx_model_details        ? 
_struct.pdbx_CASP_flag            ? 
_struct.pdbx_model_type_details   ? 
# 
_struct_keywords.entry_id        4BY8 
_struct_keywords.pdbx_keywords   ANTIBIOTIC 
_struct_keywords.text            'PEPTAIBOL, PEPTAIBIOTIC, MEMBRANE ACTIVE, PEPTIDE ANTIBIOTIC, ANTIBIOTIC' 
# 
loop_
_struct_asym.id 
_struct_asym.pdbx_blank_PDB_chainid_flag 
_struct_asym.pdbx_modified 
_struct_asym.entity_id 
_struct_asym.details 
A N N 1 ? 
B N N 2 ? 
C N N 3 ? 
# 
_struct_ref.id                         1 
_struct_ref.db_name                    NOR 
_struct_ref.db_code                    NOR01025 
_struct_ref.entity_id                  1 
_struct_ref.pdbx_seq_one_letter_code   ? 
_struct_ref.pdbx_align_begin           ? 
_struct_ref.pdbx_db_accession          NOR01025 
_struct_ref.pdbx_db_isoform            ? 
# 
_struct_ref_seq.align_id                      1 
_struct_ref_seq.ref_id                        1 
_struct_ref_seq.pdbx_PDB_id_code              4BY8 
_struct_ref_seq.pdbx_strand_id                A 
_struct_ref_seq.seq_align_beg                 1 
_struct_ref_seq.pdbx_seq_align_beg_ins_code   ? 
_struct_ref_seq.seq_align_end                 21 
_struct_ref_seq.pdbx_seq_align_end_ins_code   ? 
_struct_ref_seq.pdbx_db_accession             NOR01025 
_struct_ref_seq.db_align_beg                  0 
_struct_ref_seq.pdbx_db_align_beg_ins_code    ? 
_struct_ref_seq.db_align_end                  20 
_struct_ref_seq.pdbx_db_align_end_ins_code    ? 
_struct_ref_seq.pdbx_auth_seq_align_beg       0 
_struct_ref_seq.pdbx_auth_seq_align_end       20 
# 
loop_
_struct_ref_seq_dif.align_id 
_struct_ref_seq_dif.pdbx_pdb_id_code 
_struct_ref_seq_dif.mon_id 
_struct_ref_seq_dif.pdbx_pdb_strand_id 
_struct_ref_seq_dif.seq_num 
_struct_ref_seq_dif.pdbx_pdb_ins_code 
_struct_ref_seq_dif.pdbx_seq_db_name 
_struct_ref_seq_dif.pdbx_seq_db_accession_code 
_struct_ref_seq_dif.db_mon_id 
_struct_ref_seq_dif.pdbx_seq_db_seq_num 
_struct_ref_seq_dif.details 
_struct_ref_seq_dif.pdbx_auth_seq_num 
_struct_ref_seq_dif.pdbx_ordinal 
1 4BY8 AIB A 5  ? PDB 4BY8 ALA 4  microheterogeneity 4  1 
1 4BY8 ALA A 7  ? PDB 4BY8 AIB 6  microheterogeneity 6  2 
1 4BY8 VAL A 10 ? PDB 4BY8 ILE 9  microheterogeneity 9  3 
1 4BY8 VAL A 16 ? PDB 4BY8 ILE 15 microheterogeneity 15 4 
# 
_pdbx_struct_assembly.id                   1 
_pdbx_struct_assembly.details              author_and_software_defined_assembly 
_pdbx_struct_assembly.method_details       PISA 
_pdbx_struct_assembly.oligomeric_details   monomeric 
_pdbx_struct_assembly.oligomeric_count     1 
# 
_pdbx_struct_assembly_gen.assembly_id       1 
_pdbx_struct_assembly_gen.oper_expression   1 
_pdbx_struct_assembly_gen.asym_id_list      A,B,C 
# 
_pdbx_struct_oper_list.id                   1 
_pdbx_struct_oper_list.type                 'identity operation' 
_pdbx_struct_oper_list.name                 1_555 
_pdbx_struct_oper_list.symmetry_operation   x,y,z 
_pdbx_struct_oper_list.matrix[1][1]         1.0000000000 
_pdbx_struct_oper_list.matrix[1][2]         0.0000000000 
_pdbx_struct_oper_list.matrix[1][3]         0.0000000000 
_pdbx_struct_oper_list.vector[1]            0.0000000000 
_pdbx_struct_oper_list.matrix[2][1]         0.0000000000 
_pdbx_struct_oper_list.matrix[2][2]         1.0000000000 
_pdbx_struct_oper_list.matrix[2][3]         0.0000000000 
_pdbx_struct_oper_list.vector[2]            0.0000000000 
_pdbx_struct_oper_list.matrix[3][1]         0.0000000000 
_pdbx_struct_oper_list.matrix[3][2]         0.0000000000 
_pdbx_struct_oper_list.matrix[3][3]         1.0000000000 
_pdbx_struct_oper_list.vector[3]            0.0000000000 
# 
_struct_conf.conf_type_id            HELX_P 
_struct_conf.id                      HELX_P1 
_struct_conf.pdbx_PDB_helix_id       0 
_struct_conf.beg_label_comp_id       AIB 
_struct_conf.beg_label_asym_id       A 
_struct_conf.beg_label_seq_id        2 
_struct_conf.pdbx_beg_PDB_ins_code   ? 
_struct_conf.end_label_comp_id       GLN 
_struct_conf.end_label_asym_id       A 
_struct_conf.end_label_seq_id        20 
_struct_conf.pdbx_end_PDB_ins_code   ? 
_struct_conf.beg_auth_comp_id        AIB 
_struct_conf.beg_auth_asym_id        A 
_struct_conf.beg_auth_seq_id         1 
_struct_conf.end_auth_comp_id        GLN 
_struct_conf.end_auth_asym_id        A 
_struct_conf.end_auth_seq_id         19 
_struct_conf.pdbx_PDB_helix_class    1 
_struct_conf.details                 ? 
_struct_conf.pdbx_PDB_helix_length   19 
# 
_struct_conf_type.id          HELX_P 
_struct_conf_type.criteria    ? 
_struct_conf_type.reference   ? 
# 
loop_
_struct_conn.id 
_struct_conn.conn_type_id 
_struct_conn.pdbx_leaving_atom_flag 
_struct_conn.pdbx_PDB_id 
_struct_conn.ptnr1_label_asym_id 
_struct_conn.ptnr1_label_comp_id 
_struct_conn.ptnr1_label_seq_id 
_struct_conn.ptnr1_label_atom_id 
_struct_conn.pdbx_ptnr1_label_alt_id 
_struct_conn.pdbx_ptnr1_PDB_ins_code 
_struct_conn.pdbx_ptnr1_standard_comp_id 
_struct_conn.ptnr1_symmetry 
_struct_conn.ptnr2_label_asym_id 
_struct_conn.ptnr2_label_comp_id 
_struct_conn.ptnr2_label_seq_id 
_struct_conn.ptnr2_label_atom_id 
_struct_conn.pdbx_ptnr2_label_alt_id 
_struct_conn.pdbx_ptnr2_PDB_ins_code 
_struct_conn.ptnr1_auth_asym_id 
_struct_conn.ptnr1_auth_comp_id 
_struct_conn.ptnr1_auth_seq_id 
_struct_conn.ptnr2_auth_asym_id 
_struct_conn.ptnr2_auth_comp_id 
_struct_conn.ptnr2_auth_seq_id 
_struct_conn.ptnr2_symmetry 
_struct_conn.pdbx_ptnr3_label_atom_id 
_struct_conn.pdbx_ptnr3_label_seq_id 
_struct_conn.pdbx_ptnr3_label_comp_id 
_struct_conn.pdbx_ptnr3_label_asym_id 
_struct_conn.pdbx_ptnr3_label_alt_id 
_struct_conn.pdbx_ptnr3_PDB_ins_code 
_struct_conn.details 
_struct_conn.pdbx_dist_value 
_struct_conn.pdbx_value_order 
_struct_conn.pdbx_role 
covale1  covale both ? A ACE 1  C ? ? ? 1_555 A AIB 2  N ? ? A ACE 0  A AIB 1  1_555 ? ? ? ? ? ? ? 1.286 ? ? 
covale2  covale both ? A AIB 2  C ? ? ? 1_555 A ALA 3  N ? ? A AIB 1  A ALA 2  1_555 ? ? ? ? ? ? ? 1.281 ? ? 
covale3  covale both ? A ALA 3  C ? ? ? 1_555 A AIB 4  N ? ? A ALA 2  A AIB 3  1_555 ? ? ? ? ? ? ? 1.322 ? ? 
covale4  covale both ? A AIB 4  C ? ? ? 1_555 A AIB 5  N A ? A AIB 3  A AIB 4  1_555 ? ? ? ? ? ? ? 1.328 ? ? 
covale5  covale both ? A AIB 5  C A ? ? 1_555 A AIB 6  N ? ? A AIB 4  A AIB 5  1_555 ? ? ? ? ? ? ? 1.319 ? ? 
covale6  covale both ? A AIB 6  C ? ? ? 1_555 A ALA 7  N A ? A AIB 5  A ALA 6  1_555 ? ? ? ? ? ? ? 1.355 ? ? 
covale7  covale both ? A GLN 8  C ? ? ? 1_555 A AIB 9  N ? ? A GLN 7  A AIB 8  1_555 ? ? ? ? ? ? ? 1.370 ? ? 
covale8  covale both ? A AIB 9  C ? ? ? 1_555 A VAL 10 N A ? A AIB 8  A VAL 9  1_555 ? ? ? ? ? ? ? 1.326 ? ? 
covale9  covale both ? A VAL 10 C A ? ? 1_555 A AIB 11 N ? ? A VAL 9  A AIB 10 1_555 ? ? ? ? ? ? ? 1.344 ? ? 
covale10 covale both ? A AIB 11 C ? ? ? 1_555 A GLY 12 N ? ? A AIB 10 A GLY 11 1_555 ? ? ? ? ? ? ? 1.373 ? ? 
covale11 covale both ? A GLY 12 C ? ? ? 1_555 A AIB 13 N ? ? A GLY 11 A AIB 12 1_555 ? ? ? ? ? ? ? 1.253 ? ? 
covale12 covale both ? A AIB 13 C ? ? ? 1_555 A AIB 14 N ? ? A AIB 12 A AIB 13 1_555 ? ? ? ? ? ? ? 1.317 ? ? 
covale13 covale both ? A AIB 14 C ? ? ? 1_555 A PRO 15 N ? ? A AIB 13 A PRO 14 1_555 ? ? ? ? ? ? ? 1.311 ? ? 
covale14 covale both ? A VAL 16 C A ? ? 1_555 A AIB 17 N ? ? A VAL 15 A AIB 16 1_555 ? ? ? ? ? ? ? 1.335 ? ? 
covale15 covale both ? A AIB 17 C ? ? ? 1_555 A AIB 18 N ? ? A AIB 16 A AIB 17 1_555 ? ? ? ? ? ? ? 1.343 ? ? 
covale16 covale both ? A AIB 18 C ? ? ? 1_555 A GLN 19 N ? ? A AIB 17 A GLN 18 1_555 ? ? ? ? ? ? ? 1.281 ? ? 
covale17 covale both ? A GLN 20 C ? ? ? 1_555 A PHL 21 N ? ? A GLN 19 A PHL 20 1_555 ? ? ? ? ? ? ? 1.347 ? ? 
# 
_struct_conn_type.id          covale 
_struct_conn_type.criteria    ? 
_struct_conn_type.reference   ? 
# 
loop_
_pdbx_modification_feature.ordinal 
_pdbx_modification_feature.label_comp_id 
_pdbx_modification_feature.label_asym_id 
_pdbx_modification_feature.label_seq_id 
_pdbx_modification_feature.label_alt_id 
_pdbx_modification_feature.modified_residue_label_comp_id 
_pdbx_modification_feature.modified_residue_label_asym_id 
_pdbx_modification_feature.modified_residue_label_seq_id 
_pdbx_modification_feature.modified_residue_label_alt_id 
_pdbx_modification_feature.auth_comp_id 
_pdbx_modification_feature.auth_asym_id 
_pdbx_modification_feature.auth_seq_id 
_pdbx_modification_feature.PDB_ins_code 
_pdbx_modification_feature.symmetry 
_pdbx_modification_feature.modified_residue_auth_comp_id 
_pdbx_modification_feature.modified_residue_auth_asym_id 
_pdbx_modification_feature.modified_residue_auth_seq_id 
_pdbx_modification_feature.modified_residue_PDB_ins_code 
_pdbx_modification_feature.modified_residue_symmetry 
_pdbx_modification_feature.comp_id_linking_atom 
_pdbx_modification_feature.modified_residue_id_linking_atom 
_pdbx_modification_feature.modified_residue_id 
_pdbx_modification_feature.ref_pcm_id 
_pdbx_modification_feature.ref_comp_id 
_pdbx_modification_feature.type 
_pdbx_modification_feature.category 
1  AIB A 2  ? .   . . . AIB A 1  ? 1_555 .   . . . .     . . ALA 1  AIB Methylation 'Named protein modification' 
2  AIB A 4  ? .   . . . AIB A 3  ? 1_555 .   . . . .     . . ALA 1  AIB Methylation 'Named protein modification' 
3  AIB A 5  A .   . . . AIB A 4  ? 1_555 .   . . . .     . . ALA 1  AIB Methylation 'Named protein modification' 
4  AIB A 6  ? .   . . . AIB A 5  ? 1_555 .   . . . .     . . ALA 1  AIB Methylation 'Named protein modification' 
5  AIB A 9  ? .   . . . AIB A 8  ? 1_555 .   . . . .     . . ALA 1  AIB Methylation 'Named protein modification' 
6  AIB A 11 ? .   . . . AIB A 10 ? 1_555 .   . . . .     . . ALA 1  AIB Methylation 'Named protein modification' 
7  AIB A 13 ? .   . . . AIB A 12 ? 1_555 .   . . . .     . . ALA 1  AIB Methylation 'Named protein modification' 
8  AIB A 14 ? .   . . . AIB A 13 ? 1_555 .   . . . .     . . ALA 1  AIB Methylation 'Named protein modification' 
9  AIB A 17 ? .   . . . AIB A 16 ? 1_555 .   . . . .     . . ALA 1  AIB Methylation 'Named protein modification' 
10 AIB A 18 ? .   . . . AIB A 17 ? 1_555 .   . . . .     . . ALA 1  AIB Methylation 'Named protein modification' 
11 PHL A 21 ? .   . . . PHL A 20 ? 1_555 .   . . . .     . . PHE 1  PHL Deoxidation 'Named protein modification' 
12 ACE A 1  ? AIB A 2 ? ACE A 0  ? 1_555 AIB A 1 ? 1_555 . . AIB 42 ACE None        'Terminal acetylation'       
# 
_pdbx_entry_details.entry_id                   4BY8 
_pdbx_entry_details.compound_details           ? 
_pdbx_entry_details.source_details             ? 
_pdbx_entry_details.nonpolymer_details         ? 
_pdbx_entry_details.sequence_details           
;THE PEPTIDE CRYSTALLIZED IS MICROHETEROGENEIC IN 4 POSITIONS
IN THE SEQUENCE. ALA4 IS ALSO AIB4, AIB6 IS ALSO ALA6, VAL9
IS ALSO ILE9, VAL15 IS ALSO ILE15
;
_pdbx_entry_details.has_ligand_of_interest     ? 
_pdbx_entry_details.has_protein_modification   Y 
# 
loop_
_pdbx_validate_rmsd_bond.id 
_pdbx_validate_rmsd_bond.PDB_model_num 
_pdbx_validate_rmsd_bond.auth_atom_id_1 
_pdbx_validate_rmsd_bond.auth_asym_id_1 
_pdbx_validate_rmsd_bond.auth_comp_id_1 
_pdbx_validate_rmsd_bond.auth_seq_id_1 
_pdbx_validate_rmsd_bond.PDB_ins_code_1 
_pdbx_validate_rmsd_bond.label_alt_id_1 
_pdbx_validate_rmsd_bond.auth_atom_id_2 
_pdbx_validate_rmsd_bond.auth_asym_id_2 
_pdbx_validate_rmsd_bond.auth_comp_id_2 
_pdbx_validate_rmsd_bond.auth_seq_id_2 
_pdbx_validate_rmsd_bond.PDB_ins_code_2 
_pdbx_validate_rmsd_bond.label_alt_id_2 
_pdbx_validate_rmsd_bond.bond_value 
_pdbx_validate_rmsd_bond.bond_target_value 
_pdbx_validate_rmsd_bond.bond_deviation 
_pdbx_validate_rmsd_bond.bond_standard_deviation 
_pdbx_validate_rmsd_bond.linker_flag 
1 1 CA A ALA 4  ? B CB A ALA 4  ? B 1.695 1.520 0.175  0.021 N 
2 1 CA A ALA 4  ? B C  A ALA 4  ? B 1.347 1.525 -0.178 0.026 N 
3 1 CG A GLN 19 ? ? CD A GLN 19 ? ? 1.654 1.506 0.148  0.023 N 
# 
_pdbx_validate_rmsd_angle.id                         1 
_pdbx_validate_rmsd_angle.PDB_model_num              1 
_pdbx_validate_rmsd_angle.auth_atom_id_1             CB 
_pdbx_validate_rmsd_angle.auth_asym_id_1             A 
_pdbx_validate_rmsd_angle.auth_comp_id_1             ILE 
_pdbx_validate_rmsd_angle.auth_seq_id_1              15 
_pdbx_validate_rmsd_angle.PDB_ins_code_1             ? 
_pdbx_validate_rmsd_angle.label_alt_id_1             B 
_pdbx_validate_rmsd_angle.auth_atom_id_2             CG1 
_pdbx_validate_rmsd_angle.auth_asym_id_2             A 
_pdbx_validate_rmsd_angle.auth_comp_id_2             ILE 
_pdbx_validate_rmsd_angle.auth_seq_id_2              15 
_pdbx_validate_rmsd_angle.PDB_ins_code_2             ? 
_pdbx_validate_rmsd_angle.label_alt_id_2             B 
_pdbx_validate_rmsd_angle.auth_atom_id_3             CD1 
_pdbx_validate_rmsd_angle.auth_asym_id_3             A 
_pdbx_validate_rmsd_angle.auth_comp_id_3             ILE 
_pdbx_validate_rmsd_angle.auth_seq_id_3              15 
_pdbx_validate_rmsd_angle.PDB_ins_code_3             ? 
_pdbx_validate_rmsd_angle.label_alt_id_3             B 
_pdbx_validate_rmsd_angle.angle_value                147.24 
_pdbx_validate_rmsd_angle.angle_target_value         113.90 
_pdbx_validate_rmsd_angle.angle_deviation            33.34 
_pdbx_validate_rmsd_angle.angle_standard_deviation   2.80 
_pdbx_validate_rmsd_angle.linker_flag                N 
# 
_pdbx_validate_chiral.id              1 
_pdbx_validate_chiral.PDB_model_num   1 
_pdbx_validate_chiral.auth_atom_id    CB 
_pdbx_validate_chiral.label_alt_id    B 
_pdbx_validate_chiral.auth_asym_id    A 
_pdbx_validate_chiral.auth_comp_id    ILE 
_pdbx_validate_chiral.auth_seq_id     15 
_pdbx_validate_chiral.PDB_ins_code    ? 
_pdbx_validate_chiral.details         'WRONG HAND' 
_pdbx_validate_chiral.omega           . 
# 
loop_
_pdbx_struct_mod_residue.id 
_pdbx_struct_mod_residue.label_asym_id 
_pdbx_struct_mod_residue.label_comp_id 
_pdbx_struct_mod_residue.label_seq_id 
_pdbx_struct_mod_residue.auth_asym_id 
_pdbx_struct_mod_residue.auth_comp_id 
_pdbx_struct_mod_residue.auth_seq_id 
_pdbx_struct_mod_residue.PDB_ins_code 
_pdbx_struct_mod_residue.parent_comp_id 
_pdbx_struct_mod_residue.details 
1  A AIB 2  A AIB 1  ? ALA 'ALPHA-AMINOISOBUTYRIC ACID' 
2  A AIB 4  A AIB 3  ? ALA 'ALPHA-AMINOISOBUTYRIC ACID' 
3  A AIB 5  A AIB 4  ? ALA 'ALPHA-AMINOISOBUTYRIC ACID' 
4  A AIB 6  A AIB 5  ? ALA 'ALPHA-AMINOISOBUTYRIC ACID' 
5  A AIB 7  A AIB 6  ? ALA 'ALPHA-AMINOISOBUTYRIC ACID' 
6  A AIB 9  A AIB 8  ? ALA 'ALPHA-AMINOISOBUTYRIC ACID' 
7  A AIB 11 A AIB 10 ? ALA 'ALPHA-AMINOISOBUTYRIC ACID' 
8  A AIB 13 A AIB 12 ? ALA 'ALPHA-AMINOISOBUTYRIC ACID' 
9  A AIB 14 A AIB 13 ? ALA 'ALPHA-AMINOISOBUTYRIC ACID' 
10 A AIB 17 A AIB 16 ? ALA 'ALPHA-AMINOISOBUTYRIC ACID' 
11 A AIB 18 A AIB 17 ? ALA 'ALPHA-AMINOISOBUTYRIC ACID' 
12 A PHL 21 A PHL 20 ? PHE L-PHENYLALANINOL             
# 
_pdbx_database_remark.id     650 
_pdbx_database_remark.text   
;
HELIX
DETERMINATION METHOD: AUTHOR PROVIDED.
;
# 
loop_
_chem_comp_atom.comp_id 
_chem_comp_atom.atom_id 
_chem_comp_atom.type_symbol 
_chem_comp_atom.pdbx_aromatic_flag 
_chem_comp_atom.pdbx_stereo_config 
_chem_comp_atom.pdbx_ordinal 
ACE C    C N N 1   
ACE O    O N N 2   
ACE CH3  C N N 3   
ACE H    H N N 4   
ACE H1   H N N 5   
ACE H2   H N N 6   
ACE H3   H N N 7   
AIB N    N N N 8   
AIB CA   C N N 9   
AIB C    C N N 10  
AIB O    O N N 11  
AIB OXT  O N N 12  
AIB CB1  C N N 13  
AIB CB2  C N N 14  
AIB H    H N N 15  
AIB H2   H N N 16  
AIB HXT  H N N 17  
AIB HB11 H N N 18  
AIB HB12 H N N 19  
AIB HB13 H N N 20  
AIB HB21 H N N 21  
AIB HB22 H N N 22  
AIB HB23 H N N 23  
ALA N    N N N 24  
ALA CA   C N S 25  
ALA C    C N N 26  
ALA O    O N N 27  
ALA CB   C N N 28  
ALA OXT  O N N 29  
ALA H    H N N 30  
ALA H2   H N N 31  
ALA HA   H N N 32  
ALA HB1  H N N 33  
ALA HB2  H N N 34  
ALA HB3  H N N 35  
ALA HXT  H N N 36  
GLN N    N N N 37  
GLN CA   C N S 38  
GLN C    C N N 39  
GLN O    O N N 40  
GLN CB   C N N 41  
GLN CG   C N N 42  
GLN CD   C N N 43  
GLN OE1  O N N 44  
GLN NE2  N N N 45  
GLN OXT  O N N 46  
GLN H    H N N 47  
GLN H2   H N N 48  
GLN HA   H N N 49  
GLN HB2  H N N 50  
GLN HB3  H N N 51  
GLN HG2  H N N 52  
GLN HG3  H N N 53  
GLN HE21 H N N 54  
GLN HE22 H N N 55  
GLN HXT  H N N 56  
GLY N    N N N 57  
GLY CA   C N N 58  
GLY C    C N N 59  
GLY O    O N N 60  
GLY OXT  O N N 61  
GLY H    H N N 62  
GLY H2   H N N 63  
GLY HA2  H N N 64  
GLY HA3  H N N 65  
GLY HXT  H N N 66  
HOH O    O N N 67  
HOH H1   H N N 68  
HOH H2   H N N 69  
ILE N    N N N 70  
ILE CA   C N S 71  
ILE C    C N N 72  
ILE O    O N N 73  
ILE CB   C N S 74  
ILE CG1  C N N 75  
ILE CG2  C N N 76  
ILE CD1  C N N 77  
ILE OXT  O N N 78  
ILE H    H N N 79  
ILE H2   H N N 80  
ILE HA   H N N 81  
ILE HB   H N N 82  
ILE HG12 H N N 83  
ILE HG13 H N N 84  
ILE HG21 H N N 85  
ILE HG22 H N N 86  
ILE HG23 H N N 87  
ILE HD11 H N N 88  
ILE HD12 H N N 89  
ILE HD13 H N N 90  
ILE HXT  H N N 91  
MOH C    C N N 92  
MOH O    O N N 93  
MOH H1   H N N 94  
MOH H2   H N N 95  
MOH H3   H N N 96  
MOH HO   H N N 97  
PHL N    N N N 98  
PHL CA   C N S 99  
PHL C    C N N 100 
PHL O    O N N 101 
PHL CB   C N N 102 
PHL CG   C Y N 103 
PHL CD1  C Y N 104 
PHL CD2  C Y N 105 
PHL CE1  C Y N 106 
PHL CE2  C Y N 107 
PHL CZ   C Y N 108 
PHL H    H N N 109 
PHL H2   H N N 110 
PHL HA   H N N 111 
PHL HC1  H N N 112 
PHL HC2  H N N 113 
PHL HO   H N N 114 
PHL HB2  H N N 115 
PHL HB3  H N N 116 
PHL HD1  H N N 117 
PHL HD2  H N N 118 
PHL HE1  H N N 119 
PHL HE2  H N N 120 
PHL HZ   H N N 121 
PRO N    N N N 122 
PRO CA   C N S 123 
PRO C    C N N 124 
PRO O    O N N 125 
PRO CB   C N N 126 
PRO CG   C N N 127 
PRO CD   C N N 128 
PRO OXT  O N N 129 
PRO H    H N N 130 
PRO HA   H N N 131 
PRO HB2  H N N 132 
PRO HB3  H N N 133 
PRO HG2  H N N 134 
PRO HG3  H N N 135 
PRO HD2  H N N 136 
PRO HD3  H N N 137 
PRO HXT  H N N 138 
VAL N    N N N 139 
VAL CA   C N S 140 
VAL C    C N N 141 
VAL O    O N N 142 
VAL CB   C N N 143 
VAL CG1  C N N 144 
VAL CG2  C N N 145 
VAL OXT  O N N 146 
VAL H    H N N 147 
VAL H2   H N N 148 
VAL HA   H N N 149 
VAL HB   H N N 150 
VAL HG11 H N N 151 
VAL HG12 H N N 152 
VAL HG13 H N N 153 
VAL HG21 H N N 154 
VAL HG22 H N N 155 
VAL HG23 H N N 156 
VAL HXT  H N N 157 
# 
loop_
_chem_comp_bond.comp_id 
_chem_comp_bond.atom_id_1 
_chem_comp_bond.atom_id_2 
_chem_comp_bond.value_order 
_chem_comp_bond.pdbx_aromatic_flag 
_chem_comp_bond.pdbx_stereo_config 
_chem_comp_bond.pdbx_ordinal 
ACE C   O    doub N N 1   
ACE C   CH3  sing N N 2   
ACE C   H    sing N N 3   
ACE CH3 H1   sing N N 4   
ACE CH3 H2   sing N N 5   
ACE CH3 H3   sing N N 6   
AIB N   CA   sing N N 7   
AIB N   H    sing N N 8   
AIB N   H2   sing N N 9   
AIB CA  C    sing N N 10  
AIB CA  CB1  sing N N 11  
AIB CA  CB2  sing N N 12  
AIB C   O    doub N N 13  
AIB C   OXT  sing N N 14  
AIB OXT HXT  sing N N 15  
AIB CB1 HB11 sing N N 16  
AIB CB1 HB12 sing N N 17  
AIB CB1 HB13 sing N N 18  
AIB CB2 HB21 sing N N 19  
AIB CB2 HB22 sing N N 20  
AIB CB2 HB23 sing N N 21  
ALA N   CA   sing N N 22  
ALA N   H    sing N N 23  
ALA N   H2   sing N N 24  
ALA CA  C    sing N N 25  
ALA CA  CB   sing N N 26  
ALA CA  HA   sing N N 27  
ALA C   O    doub N N 28  
ALA C   OXT  sing N N 29  
ALA CB  HB1  sing N N 30  
ALA CB  HB2  sing N N 31  
ALA CB  HB3  sing N N 32  
ALA OXT HXT  sing N N 33  
GLN N   CA   sing N N 34  
GLN N   H    sing N N 35  
GLN N   H2   sing N N 36  
GLN CA  C    sing N N 37  
GLN CA  CB   sing N N 38  
GLN CA  HA   sing N N 39  
GLN C   O    doub N N 40  
GLN C   OXT  sing N N 41  
GLN CB  CG   sing N N 42  
GLN CB  HB2  sing N N 43  
GLN CB  HB3  sing N N 44  
GLN CG  CD   sing N N 45  
GLN CG  HG2  sing N N 46  
GLN CG  HG3  sing N N 47  
GLN CD  OE1  doub N N 48  
GLN CD  NE2  sing N N 49  
GLN NE2 HE21 sing N N 50  
GLN NE2 HE22 sing N N 51  
GLN OXT HXT  sing N N 52  
GLY N   CA   sing N N 53  
GLY N   H    sing N N 54  
GLY N   H2   sing N N 55  
GLY CA  C    sing N N 56  
GLY CA  HA2  sing N N 57  
GLY CA  HA3  sing N N 58  
GLY C   O    doub N N 59  
GLY C   OXT  sing N N 60  
GLY OXT HXT  sing N N 61  
HOH O   H1   sing N N 62  
HOH O   H2   sing N N 63  
ILE N   CA   sing N N 64  
ILE N   H    sing N N 65  
ILE N   H2   sing N N 66  
ILE CA  C    sing N N 67  
ILE CA  CB   sing N N 68  
ILE CA  HA   sing N N 69  
ILE C   O    doub N N 70  
ILE C   OXT  sing N N 71  
ILE CB  CG1  sing N N 72  
ILE CB  CG2  sing N N 73  
ILE CB  HB   sing N N 74  
ILE CG1 CD1  sing N N 75  
ILE CG1 HG12 sing N N 76  
ILE CG1 HG13 sing N N 77  
ILE CG2 HG21 sing N N 78  
ILE CG2 HG22 sing N N 79  
ILE CG2 HG23 sing N N 80  
ILE CD1 HD11 sing N N 81  
ILE CD1 HD12 sing N N 82  
ILE CD1 HD13 sing N N 83  
ILE OXT HXT  sing N N 84  
MOH C   O    sing N N 85  
MOH C   H1   sing N N 86  
MOH C   H2   sing N N 87  
MOH C   H3   sing N N 88  
MOH O   HO   sing N N 89  
PHL N   CA   sing N N 90  
PHL N   H    sing N N 91  
PHL N   H2   sing N N 92  
PHL CA  C    sing N N 93  
PHL CA  CB   sing N N 94  
PHL CA  HA   sing N N 95  
PHL C   O    sing N N 96  
PHL C   HC1  sing N N 97  
PHL C   HC2  sing N N 98  
PHL O   HO   sing N N 99  
PHL CB  CG   sing N N 100 
PHL CB  HB2  sing N N 101 
PHL CB  HB3  sing N N 102 
PHL CG  CD1  doub Y N 103 
PHL CG  CD2  sing Y N 104 
PHL CD1 CE1  sing Y N 105 
PHL CD1 HD1  sing N N 106 
PHL CD2 CE2  doub Y N 107 
PHL CD2 HD2  sing N N 108 
PHL CE1 CZ   doub Y N 109 
PHL CE1 HE1  sing N N 110 
PHL CE2 CZ   sing Y N 111 
PHL CE2 HE2  sing N N 112 
PHL CZ  HZ   sing N N 113 
PRO N   CA   sing N N 114 
PRO N   CD   sing N N 115 
PRO N   H    sing N N 116 
PRO CA  C    sing N N 117 
PRO CA  CB   sing N N 118 
PRO CA  HA   sing N N 119 
PRO C   O    doub N N 120 
PRO C   OXT  sing N N 121 
PRO CB  CG   sing N N 122 
PRO CB  HB2  sing N N 123 
PRO CB  HB3  sing N N 124 
PRO CG  CD   sing N N 125 
PRO CG  HG2  sing N N 126 
PRO CG  HG3  sing N N 127 
PRO CD  HD2  sing N N 128 
PRO CD  HD3  sing N N 129 
PRO OXT HXT  sing N N 130 
VAL N   CA   sing N N 131 
VAL N   H    sing N N 132 
VAL N   H2   sing N N 133 
VAL CA  C    sing N N 134 
VAL CA  CB   sing N N 135 
VAL CA  HA   sing N N 136 
VAL C   O    doub N N 137 
VAL C   OXT  sing N N 138 
VAL CB  CG1  sing N N 139 
VAL CB  CG2  sing N N 140 
VAL CB  HB   sing N N 141 
VAL CG1 HG11 sing N N 142 
VAL CG1 HG12 sing N N 143 
VAL CG1 HG13 sing N N 144 
VAL CG2 HG21 sing N N 145 
VAL CG2 HG22 sing N N 146 
VAL CG2 HG23 sing N N 147 
VAL OXT HXT  sing N N 148 
# 
_atom_sites.entry_id                    4BY8 
_atom_sites.fract_transf_matrix[1][1]   0.02560814 
_atom_sites.fract_transf_matrix[1][2]   -0.02574369 
_atom_sites.fract_transf_matrix[1][3]   -0.03783203 
_atom_sites.fract_transf_matrix[2][1]   -0.00255122 
_atom_sites.fract_transf_matrix[2][2]   -0.05231875 
_atom_sites.fract_transf_matrix[2][3]   -0.00246755 
_atom_sites.fract_transf_matrix[3][1]   -0.01908631 
_atom_sites.fract_transf_matrix[3][2]   0.00159109 
_atom_sites.fract_transf_matrix[3][3]   -0.01400203 
_atom_sites.fract_transf_vector[1]      0.067662 
_atom_sites.fract_transf_vector[2]      0.608725 
_atom_sites.fract_transf_vector[3]      0.860226 
# 
loop_
_atom_type.symbol 
C 
H 
N 
O 
# 
loop_
_atom_site.group_PDB 
_atom_site.id 
_atom_site.type_symbol 
_atom_site.label_atom_id 
_atom_site.label_alt_id 
_atom_site.label_comp_id 
_atom_site.label_asym_id 
_atom_site.label_entity_id 
_atom_site.label_seq_id 
_atom_site.pdbx_PDB_ins_code 
_atom_site.Cartn_x 
_atom_site.Cartn_y 
_atom_site.Cartn_z 
_atom_site.occupancy 
_atom_site.B_iso_or_equiv 
_atom_site.pdbx_formal_charge 
_atom_site.auth_seq_id 
_atom_site.auth_comp_id 
_atom_site.auth_asym_id 
_atom_site.auth_atom_id 
_atom_site.pdbx_PDB_model_num 
HETATM 1   C C    . ACE A 1 1  ? -9.925  -8.565  -6.660  1.00 16.52 ? 0    ACE A C    1 
HETATM 2   O O    . ACE A 1 1  ? -9.575  -7.686  -5.810  1.00 16.46 ? 0    ACE A O    1 
HETATM 3   C CH3  . ACE A 1 1  ? -11.300 -8.616  -7.005  1.00 21.31 ? 0    ACE A CH3  1 
HETATM 4   H H1   . ACE A 1 1  ? -11.532 -7.835  -7.514  1.00 31.97 ? 0    ACE A H1   1 
HETATM 5   H H2   . ACE A 1 1  ? -11.829 -8.646  -6.205  1.00 31.97 ? 0    ACE A H2   1 
HETATM 6   H H3   . ACE A 1 1  ? -11.470 -9.402  -7.530  1.00 31.97 ? 0    ACE A H3   1 
HETATM 7   N N    . AIB A 1 2  ? -9.139  -9.258  -7.406  1.00 17.65 ? 1    AIB A N    1 
HETATM 8   C CA   . AIB A 1 2  ? -7.732  -9.285  -7.151  1.00 16.62 ? 1    AIB A CA   1 
HETATM 9   C C    . AIB A 1 2  ? -7.225  -7.834  -7.372  1.00 15.53 ? 1    AIB A C    1 
HETATM 10  O O    . AIB A 1 2  ? -6.353  -7.417  -6.539  1.00 13.92 ? 1    AIB A O    1 
HETATM 11  C CB1  . AIB A 1 2  ? -7.265  -9.944  -5.885  1.00 18.16 ? 1    AIB A CB1  1 
HETATM 12  C CB2  . AIB A 1 2  ? -7.078  -10.131 -8.474  1.00 20.02 ? 1    AIB A CB2  1 
HETATM 13  H H    . AIB A 1 2  ? -9.461  -9.708  -8.063  1.00 21.17 ? 1    AIB A H    1 
HETATM 14  H HB11 . AIB A 1 2  ? -6.353  -9.697  -5.714  1.00 27.24 ? 1    AIB A HB11 1 
HETATM 15  H HB12 . AIB A 1 2  ? -7.325  -10.897 -5.979  1.00 27.24 ? 1    AIB A HB12 1 
HETATM 16  H HB13 . AIB A 1 2  ? -7.817  -9.658  -5.153  1.00 27.24 ? 1    AIB A HB13 1 
HETATM 17  H HB21 . AIB A 1 2  ? -6.413  -9.588  -8.905  1.00 30.03 ? 1    AIB A HB21 1 
HETATM 18  H HB22 . AIB A 1 2  ? -7.776  -10.337 -9.099  1.00 30.03 ? 1    AIB A HB22 1 
HETATM 19  H HB23 . AIB A 1 2  ? -6.674  -10.945 -8.165  1.00 30.03 ? 1    AIB A HB23 1 
ATOM   20  N N    . ALA A 1 3  ? -7.629  -7.144  -8.373  1.00 12.87 ? 2    ALA A N    1 
ATOM   21  C CA   . ALA A 1 3  ? -6.945  -5.893  -8.639  1.00 11.46 ? 2    ALA A CA   1 
ATOM   22  C C    . ALA A 1 3  ? -7.230  -4.871  -7.544  1.00 10.83 ? 2    ALA A C    1 
ATOM   23  O O    . ALA A 1 3  ? -6.348  -4.196  -7.038  1.00 11.78 ? 2    ALA A O    1 
ATOM   24  C CB   . ALA A 1 3  ? -7.288  -5.369  -10.049 1.00 12.60 ? 2    ALA A CB   1 
ATOM   25  H H    . ALA A 1 3  ? -8.280  -7.413  -8.868  1.00 15.45 ? 2    ALA A H    1 
ATOM   26  H HA   . ALA A 1 3  ? -5.983  -6.077  -8.623  1.00 13.75 ? 2    ALA A HA   1 
ATOM   27  H HB1  . ALA A 1 3  ? -7.371  -6.109  -10.655 1.00 18.90 ? 2    ALA A HB1  1 
ATOM   28  H HB2  . ALA A 1 3  ? -8.117  -4.886  -10.018 1.00 18.90 ? 2    ALA A HB2  1 
ATOM   29  H HB3  . ALA A 1 3  ? -6.589  -4.784  -10.353 1.00 18.90 ? 2    ALA A HB3  1 
HETATM 30  N N    . AIB A 1 4  ? -8.498  -4.691  -7.215  1.00 11.67 ? 3    AIB A N    1 
HETATM 31  C CA   . AIB A 1 4  ? -8.943  -3.781  -6.185  1.00 13.44 ? 3    AIB A CA   1 
HETATM 32  C C    . AIB A 1 4  ? -8.167  -4.109  -4.890  1.00 11.82 ? 3    AIB A C    1 
HETATM 33  O O    . AIB A 1 4  ? -7.643  -3.112  -4.267  1.00 12.20 ? 3    AIB A O    1 
HETATM 34  C CB1  . AIB A 1 4  ? -10.486 -3.954  -5.944  1.00 20.07 ? 3    AIB A CB1  1 
HETATM 35  C CB2  . AIB A 1 4  ? -8.733  -2.303  -6.650  1.00 17.16 ? 3    AIB A CB2  1 
HETATM 36  H H    . AIB A 1 4  ? -9.093  -5.142  -7.640  1.00 14.00 ? 3    AIB A H    1 
HETATM 37  H HB11 . AIB A 1 4  ? -10.962 -3.258  -6.403  1.00 30.10 ? 3    AIB A HB11 1 
HETATM 38  H HB12 . AIB A 1 4  ? -10.672 -3.903  -5.004  1.00 30.10 ? 3    AIB A HB12 1 
HETATM 39  H HB13 . AIB A 1 4  ? -10.769 -4.808  -6.280  1.00 30.10 ? 3    AIB A HB13 1 
HETATM 40  H HB21 . AIB A 1 4  ? -7.919  -2.238  -7.153  1.00 25.73 ? 3    AIB A HB21 1 
HETATM 41  H HB22 . AIB A 1 4  ? -8.682  -1.730  -5.881  1.00 25.73 ? 3    AIB A HB22 1 
HETATM 42  H HB23 . AIB A 1 4  ? -9.472  -2.033  -7.200  1.00 25.73 ? 3    AIB A HB23 1 
HETATM 43  N N    A AIB A 1 5  ? -8.187  -5.372  -4.479  0.50 13.51 ? 4    AIB A N    1 
HETATM 44  C CA   A AIB A 1 5  ? -7.399  -5.683  -3.226  0.50 14.33 ? 4    AIB A CA   1 
HETATM 45  C C    A AIB A 1 5  ? -6.083  -5.396  -3.247  0.50 13.77 ? 4    AIB A C    1 
HETATM 46  O O    A AIB A 1 5  ? -5.519  -4.781  -2.251  0.50 13.97 ? 4    AIB A O    1 
HETATM 47  C CB1  A AIB A 1 5  ? -7.559  -7.342  -2.922  0.50 19.63 ? 4    AIB A CB1  1 
HETATM 48  C CB2  A AIB A 1 5  ? -8.376  -5.319  -2.153  0.50 20.38 ? 4    AIB A CB2  1 
HETATM 49  H H    A AIB A 1 5  ? -8.624  -5.980  -4.903  0.50 16.21 ? 4    AIB A H    1 
HETATM 50  H HB11 A AIB A 1 5  ? -6.957  -7.831  -3.488  0.50 29.44 ? 4    AIB A HB11 1 
HETATM 51  H HB12 A AIB A 1 5  ? -8.461  -7.616  -3.102  0.50 29.44 ? 4    AIB A HB12 1 
HETATM 52  H HB13 A AIB A 1 5  ? -7.347  -7.521  -2.002  0.50 29.44 ? 4    AIB A HB13 1 
HETATM 53  H HB21 A AIB A 1 5  ? -8.465  -4.364  -2.111  0.50 30.58 ? 4    AIB A HB21 1 
HETATM 54  H HB22 A AIB A 1 5  ? -8.063  -5.649  -1.309  0.50 30.58 ? 4    AIB A HB22 1 
HETATM 55  H HB23 A AIB A 1 5  ? -9.230  -5.710  -2.352  0.50 30.58 ? 4    AIB A HB23 1 
ATOM   56  N N    B ALA A 1 5  ? -8.187  -5.372  -4.479  0.50 13.51 ? 4    ALA A N    1 
ATOM   57  C CA   B ALA A 1 5  ? -7.399  -5.683  -3.226  0.50 14.33 ? 4    ALA A CA   1 
ATOM   58  C C    B ALA A 1 5  ? -6.083  -5.396  -3.247  0.50 13.77 ? 4    ALA A C    1 
ATOM   59  O O    B ALA A 1 5  ? -5.519  -4.781  -2.251  0.50 13.97 ? 4    ALA A O    1 
ATOM   60  C CB   B ALA A 1 5  ? -7.559  -7.342  -2.922  0.50 19.63 ? 4    ALA A CB   1 
ATOM   61  H H    B ALA A 1 5  ? -8.624  -5.980  -4.903  0.50 16.21 ? 4    ALA A H    1 
ATOM   62  H HA   B ALA A 1 5  ? -7.806  -5.194  -2.480  0.50 17.20 ? 4    ALA A HA   1 
ATOM   63  H HB1  B ALA A 1 5  ? -8.461  -7.616  -3.102  0.50 29.44 ? 4    ALA A HB1  1 
ATOM   64  H HB2  B ALA A 1 5  ? -6.957  -7.831  -3.488  0.50 29.44 ? 4    ALA A HB2  1 
ATOM   65  H HB3  B ALA A 1 5  ? -7.347  -7.521  -2.002  0.50 29.44 ? 4    ALA A HB3  1 
HETATM 66  N N    . AIB A 1 6  ? -5.443  -5.762  -4.340  1.00 14.39 ? 5    AIB A N    1 
HETATM 67  C CA   . AIB A 1 6  ? -3.905  -5.450  -4.529  1.00 16.75 ? 5    AIB A CA   1 
HETATM 68  C C    . AIB A 1 6  ? -3.605  -4.075  -4.278  1.00 14.58 ? 5    AIB A C    1 
HETATM 69  O O    . AIB A 1 6  ? -2.763  -3.660  -3.515  1.00 16.19 ? 5    AIB A O    1 
HETATM 70  C CB1  . AIB A 1 6  ? -3.561  -5.869  -5.966  1.00 20.64 ? 5    AIB A CB1  1 
HETATM 71  C CB2  . AIB A 1 6  ? -3.140  -6.366  -3.392  1.00 21.87 ? 5    AIB A CB2  1 
HETATM 72  H H    . AIB A 1 6  ? -5.869  -6.178  -4.961  1.00 17.27 ? 5    AIB A H    1 
HETATM 73  H HB11 . AIB A 1 6  ? -2.914  -5.260  -6.330  1.00 30.96 ? 5    AIB A HB11 1 
HETATM 74  H HB12 . AIB A 1 6  ? -4.356  -5.851  -6.503  1.00 30.96 ? 5    AIB A HB12 1 
HETATM 75  H HB13 . AIB A 1 6  ? -3.197  -6.757  -5.961  1.00 30.96 ? 5    AIB A HB13 1 
HETATM 76  H HB21 . AIB A 1 6  ? -2.192  -6.232  -3.458  1.00 32.81 ? 5    AIB A HB21 1 
HETATM 77  H HB22 . AIB A 1 6  ? -3.342  -7.293  -3.539  1.00 32.81 ? 5    AIB A HB22 1 
HETATM 78  H HB23 . AIB A 1 6  ? -3.440  -6.108  -2.518  1.00 32.81 ? 5    AIB A HB23 1 
ATOM   79  N N    A ALA A 1 7  ? -4.375  -3.242  -5.020  0.50 12.78 ? 6    ALA A N    1 
ATOM   80  C CA   A ALA A 1 7  ? -4.187  -1.795  -5.062  0.50 12.37 ? 6    ALA A CA   1 
ATOM   81  C C    A ALA A 1 7  ? -4.386  -1.151  -3.661  0.50 10.98 ? 6    ALA A C    1 
ATOM   82  O O    A ALA A 1 7  ? -3.673  -0.291  -3.205  0.50 12.06 ? 6    ALA A O    1 
ATOM   83  C CB   A ALA A 1 7  ? -5.085  -1.156  -6.016  0.50 14.55 ? 6    ALA A CB   1 
ATOM   84  H H    A ALA A 1 7  ? -5.008  -3.584  -5.491  0.50 15.33 ? 6    ALA A H    1 
ATOM   85  H HA   A ALA A 1 7  ? -3.267  -1.618  -5.348  0.50 14.85 ? 6    ALA A HA   1 
ATOM   86  H HB1  A ALA A 1 7  ? -5.585  -1.828  -6.485  0.50 21.82 ? 6    ALA A HB1  1 
ATOM   87  H HB2  A ALA A 1 7  ? -5.689  -0.575  -5.548  0.50 21.82 ? 6    ALA A HB2  1 
ATOM   88  H HB3  A ALA A 1 7  ? -4.571  -0.644  -6.645  0.50 21.82 ? 6    ALA A HB3  1 
HETATM 89  N N    B AIB A 1 7  ? -4.375  -3.242  -5.020  0.50 12.78 ? 6    AIB A N    1 
HETATM 90  C CA   B AIB A 1 7  ? -4.187  -1.795  -5.062  0.50 12.37 ? 6    AIB A CA   1 
HETATM 91  C C    B AIB A 1 7  ? -4.386  -1.151  -3.661  0.50 10.98 ? 6    AIB A C    1 
HETATM 92  O O    B AIB A 1 7  ? -3.673  -0.291  -3.205  0.50 12.06 ? 6    AIB A O    1 
HETATM 93  C CB1  B AIB A 1 7  ? -5.085  -1.156  -6.016  0.50 14.55 ? 6    AIB A CB1  1 
HETATM 94  C CB2  B AIB A 1 7  ? -2.719  -1.794  -5.561  0.50 18.56 ? 6    AIB A CB2  1 
HETATM 95  H H    B AIB A 1 7  ? -5.008  -3.584  -5.491  0.50 15.33 ? 6    AIB A H    1 
HETATM 96  H HB11 B AIB A 1 7  ? -4.571  -0.644  -6.645  0.50 21.82 ? 6    AIB A HB11 1 
HETATM 97  H HB12 B AIB A 1 7  ? -5.689  -0.575  -5.548  0.50 21.82 ? 6    AIB A HB12 1 
HETATM 98  H HB13 B AIB A 1 7  ? -5.585  -1.828  -6.485  0.50 21.82 ? 6    AIB A HB13 1 
HETATM 99  H HB21 B AIB A 1 7  ? -2.628  -1.174  -6.288  0.50 27.84 ? 6    AIB A HB21 1 
HETATM 100 H HB22 B AIB A 1 7  ? -2.482  -2.675  -5.862  0.50 27.84 ? 6    AIB A HB22 1 
HETATM 101 H HB23 B AIB A 1 7  ? -2.137  -1.534  -4.844  0.50 27.84 ? 6    AIB A HB23 1 
ATOM   102 N N    . GLN A 1 8  ? -5.429  -1.691  -3.002  1.00 9.40  ? 7    GLN A N    1 
ATOM   103 C CA   . GLN A 1 8  ? -5.753  -1.153  -1.684  1.00 9.23  ? 7    GLN A CA   1 
ATOM   104 C C    . GLN A 1 8  ? -4.637  -1.454  -0.672  1.00 8.80  ? 7    GLN A C    1 
ATOM   105 O O    . GLN A 1 8  ? -4.252  -0.588  0.125   1.00 9.35  ? 7    GLN A O    1 
ATOM   106 C CB   . GLN A 1 8  ? -7.110  -1.784  -1.228  1.00 10.62 ? 7    GLN A CB   1 
ATOM   107 C CG   . GLN A 1 8  ? -8.266  -1.219  -1.955  1.00 11.61 ? 7    GLN A CG   1 
ATOM   108 C CD   . GLN A 1 8  ? -9.566  -1.862  -1.916  1.00 14.51 ? 7    GLN A CD   1 
ATOM   109 O OE1  . GLN A 1 8  ? -9.670  -3.004  -1.515  1.00 22.76 ? 7    GLN A OE1  1 
ATOM   110 N NE2  . GLN A 1 8  ? -10.614 -1.309  -2.209  1.00 23.99 ? 7    GLN A NE2  1 
ATOM   111 H H    . GLN A 1 8  ? -5.889  -2.331  -3.346  1.00 11.28 ? 7    GLN A H    1 
ATOM   112 H HA   . GLN A 1 8  ? -5.863  -0.182  -1.756  1.00 11.08 ? 7    GLN A HA   1 
ATOM   113 H HB2  . GLN A 1 8  ? -7.079  -2.743  -1.375  1.00 12.75 ? 7    GLN A HB2  1 
ATOM   114 H HB3  . GLN A 1 8  ? -7.227  -1.633  -0.277  1.00 12.75 ? 7    GLN A HB3  1 
ATOM   115 H HG2  . GLN A 1 8  ? -8.388  -0.313  -1.632  1.00 13.93 ? 7    GLN A HG2  1 
ATOM   116 H HG3  . GLN A 1 8  ? -8.010  -1.152  -2.888  1.00 13.93 ? 7    GLN A HG3  1 
ATOM   117 H HE21 . GLN A 1 8  ? -10.606 -0.499  -2.499  1.00 28.79 ? 7    GLN A HE21 1 
ATOM   118 H HE22 . GLN A 1 8  ? -11.360 -1.729  -2.125  1.00 28.79 ? 7    GLN A HE22 1 
HETATM 119 N N    . AIB A 1 9  ? -4.120  -2.722  -0.660  1.00 9.55  ? 8    AIB A N    1 
HETATM 120 C CA   . AIB A 1 9  ? -2.999  -3.040  0.234   1.00 10.54 ? 8    AIB A CA   1 
HETATM 121 C C    . AIB A 1 9  ? -1.824  -2.085  -0.037  1.00 10.29 ? 8    AIB A C    1 
HETATM 122 O O    . AIB A 1 9  ? -1.188  -1.617  0.957   1.00 10.74 ? 8    AIB A O    1 
HETATM 123 C CB1  . AIB A 1 9  ? -2.514  -4.496  -0.176  1.00 13.61 ? 8    AIB A CB1  1 
HETATM 124 C CB2  . AIB A 1 9  ? -3.434  -3.035  1.704   1.00 11.48 ? 8    AIB A CB2  1 
HETATM 125 H H    . AIB A 1 9  ? -4.450  -3.329  -1.173  1.00 11.46 ? 8    AIB A H    1 
HETATM 126 H HB11 . AIB A 1 9  ? -1.829  -4.429  -0.846  1.00 20.42 ? 8    AIB A HB11 1 
HETATM 127 H HB12 . AIB A 1 9  ? -3.256  -4.994  -0.528  1.00 20.42 ? 8    AIB A HB12 1 
HETATM 128 H HB13 . AIB A 1 9  ? -2.164  -4.947  0.595   1.00 20.42 ? 8    AIB A HB13 1 
HETATM 129 H HB21 . AIB A 1 9  ? -2.941  -2.362  2.181   1.00 17.22 ? 8    AIB A HB21 1 
HETATM 130 H HB22 . AIB A 1 9  ? -3.257  -3.895  2.093   1.00 17.22 ? 8    AIB A HB22 1 
HETATM 131 H HB23 . AIB A 1 9  ? -4.372  -2.843  1.760   1.00 17.22 ? 8    AIB A HB23 1 
ATOM   132 N N    A VAL A 1 10 ? -1.502  -1.814  -1.295  0.50 10.87 ? 9    VAL A N    1 
ATOM   133 C CA   A VAL A 1 10 ? -0.365  -0.888  -1.543  0.50 11.96 ? 9    VAL A CA   1 
ATOM   134 C C    A VAL A 1 10 ? -0.651  0.532   -1.058  0.50 10.96 ? 9    VAL A C    1 
ATOM   135 O O    A VAL A 1 10 ? 0.243   1.157   -0.477  0.50 11.68 ? 9    VAL A O    1 
ATOM   136 C CB   A VAL A 1 10 ? -0.004  -0.870  -3.059  0.50 14.01 ? 9    VAL A CB   1 
ATOM   137 C CG1  A VAL A 1 10 ? 1.117   0.075   -3.398  0.50 15.42 ? 9    VAL A CG1  1 
ATOM   138 C CG2  A VAL A 1 10 ? 0.420   -2.272  -3.549  0.50 14.95 ? 9    VAL A CG2  1 
ATOM   139 H H    A VAL A 1 10 ? -1.938  -2.164  -1.950  0.50 13.04 ? 9    VAL A H    1 
ATOM   140 H HA   A VAL A 1 10 ? 0.412   -1.225  -1.051  0.50 14.35 ? 9    VAL A HA   1 
ATOM   141 H HB   A VAL A 1 10 ? -0.799  -0.596  -3.561  0.50 16.81 ? 9    VAL A HB   1 
ATOM   142 H HG11 A VAL A 1 10 ? 1.924   -0.219  -2.969  0.50 23.13 ? 9    VAL A HG11 1 
ATOM   143 H HG12 A VAL A 1 10 ? 1.247   0.088   -4.349  0.50 23.13 ? 9    VAL A HG12 1 
ATOM   144 H HG13 A VAL A 1 10 ? 0.895   0.957   -3.093  0.50 23.13 ? 9    VAL A HG13 1 
ATOM   145 H HG21 A VAL A 1 10 ? 0.767   -2.778  -2.811  0.50 22.43 ? 9    VAL A HG21 1 
ATOM   146 H HG22 A VAL A 1 10 ? -0.342  -2.726  -3.918  0.50 22.43 ? 9    VAL A HG22 1 
ATOM   147 H HG23 A VAL A 1 10 ? 1.098   -2.184  -4.223  0.50 22.43 ? 9    VAL A HG23 1 
ATOM   148 N N    B ILE A 1 10 ? -1.502  -1.814  -1.295  0.50 10.87 ? 9    ILE A N    1 
ATOM   149 C CA   B ILE A 1 10 ? -0.365  -0.888  -1.543  0.50 11.96 ? 9    ILE A CA   1 
ATOM   150 C C    B ILE A 1 10 ? -0.651  0.532   -1.058  0.50 10.96 ? 9    ILE A C    1 
ATOM   151 O O    B ILE A 1 10 ? 0.243   1.157   -0.477  0.50 11.68 ? 9    ILE A O    1 
ATOM   152 C CB   B ILE A 1 10 ? -0.004  -0.870  -3.059  0.50 14.01 ? 9    ILE A CB   1 
ATOM   153 C CG1  B ILE A 1 10 ? 0.420   -2.272  -3.549  0.50 14.95 ? 9    ILE A CG1  1 
ATOM   154 C CG2  B ILE A 1 10 ? 1.117   0.075   -3.398  0.50 15.42 ? 9    ILE A CG2  1 
ATOM   155 C CD1  B ILE A 1 10 ? 1.631   -2.817  -3.536  0.50 16.32 ? 9    ILE A CD1  1 
ATOM   156 H H    B ILE A 1 10 ? -1.938  -2.164  -1.950  0.50 13.04 ? 9    ILE A H    1 
ATOM   157 H HA   B ILE A 1 10 ? 0.412   -1.225  -1.051  0.50 14.35 ? 9    ILE A HA   1 
ATOM   158 H HB   B ILE A 1 10 ? -0.799  -0.596  -3.561  0.50 16.81 ? 9    ILE A HB   1 
ATOM   159 H HG12 B ILE A 1 10 ? -0.145  -2.893  -3.063  0.50 22.43 ? 9    ILE A HG12 1 
ATOM   160 H HG13 B ILE A 1 10 ? 0.130   -2.317  -4.474  0.50 22.43 ? 9    ILE A HG13 1 
ATOM   161 H HG21 B ILE A 1 10 ? 1.924   -0.219  -2.969  0.50 23.13 ? 9    ILE A HG21 1 
ATOM   162 H HG22 B ILE A 1 10 ? 1.247   0.088   -4.349  0.50 23.13 ? 9    ILE A HG22 1 
ATOM   163 H HG23 B ILE A 1 10 ? 0.895   0.957   -3.093  0.50 23.13 ? 9    ILE A HG23 1 
ATOM   164 H HD11 B ILE A 1 10 ? 1.987   -2.787  -2.645  0.50 24.48 ? 9    ILE A HD11 1 
ATOM   165 H HD12 B ILE A 1 10 ? 1.575   -3.731  -3.828  0.50 24.48 ? 9    ILE A HD12 1 
ATOM   166 H HD13 B ILE A 1 10 ? 2.209   -2.328  -4.128  0.50 24.48 ? 9    ILE A HD13 1 
HETATM 167 N N    . AIB A 1 11 ? -1.866  1.020   -1.361  1.00 10.41 ? 10   AIB A N    1 
HETATM 168 C CA   . AIB A 1 11 ? -2.199  2.351   -0.949  1.00 11.21 ? 10   AIB A CA   1 
HETATM 169 C C    . AIB A 1 11 ? -2.017  2.499   0.548   1.00 10.80 ? 10   AIB A C    1 
HETATM 170 O O    . AIB A 1 11 ? -1.571  3.494   1.048   1.00 13.83 ? 10   AIB A O    1 
HETATM 171 C CB1  . AIB A 1 11 ? -3.757  2.550   -1.261  1.00 12.72 ? 10   AIB A CB1  1 
HETATM 172 C CB2  . AIB A 1 11 ? -1.412  3.476   -1.670  1.00 14.96 ? 10   AIB A CB2  1 
HETATM 173 H H    . AIB A 1 11 ? -2.435  0.542   -1.794  1.00 12.49 ? 10   AIB A H    1 
HETATM 174 H HB11 . AIB A 1 11 ? -3.859  3.033   -2.083  1.00 19.07 ? 10   AIB A HB11 1 
HETATM 175 H HB12 . AIB A 1 11 ? -4.166  3.045   -0.546  1.00 19.07 ? 10   AIB A HB12 1 
HETATM 176 H HB13 . AIB A 1 11 ? -4.180  1.691   -1.339  1.00 19.07 ? 10   AIB A HB13 1 
HETATM 177 H HB21 . AIB A 1 11 ? -0.796  3.085   -2.294  1.00 22.44 ? 10   AIB A HB21 1 
HETATM 178 H HB22 . AIB A 1 11 ? -0.927  3.994   -1.023  1.00 22.44 ? 10   AIB A HB22 1 
HETATM 179 H HB23 . AIB A 1 11 ? -2.026  4.045   -2.141  1.00 22.44 ? 10   AIB A HB23 1 
ATOM   180 N N    . GLY A 1 12 ? -2.452  1.435   1.298   1.00 9.95  ? 11   GLY A N    1 
ATOM   181 C CA   . GLY A 1 12 ? -2.366  1.478   2.752   1.00 11.69 ? 11   GLY A CA   1 
ATOM   182 C C    . GLY A 1 12 ? -0.853  1.409   3.216   1.00 12.27 ? 11   GLY A C    1 
ATOM   183 O O    . GLY A 1 12 ? -0.510  2.094   4.194   1.00 15.86 ? 11   GLY A O    1 
ATOM   184 H H    . GLY A 1 12 ? -2.775  0.740   0.907   1.00 11.93 ? 11   GLY A H    1 
ATOM   185 H HA2  . GLY A 1 12 ? -2.768  2.298   3.078   1.00 14.03 ? 11   GLY A HA2  1 
ATOM   186 H HA3  . GLY A 1 12 ? -2.856  0.731   3.129   1.00 14.03 ? 11   GLY A HA3  1 
HETATM 187 N N    . AIB A 1 13 ? -0.115  0.563   2.658   1.00 10.20 ? 12   AIB A N    1 
HETATM 188 C CA   . AIB A 1 13 ? 1.330   0.258   3.054   1.00 11.66 ? 12   AIB A CA   1 
HETATM 189 C C    . AIB A 1 13 ? 2.184   1.390   2.727   1.00 13.41 ? 12   AIB A C    1 
HETATM 190 O O    . AIB A 1 13 ? 3.135   1.712   3.505   1.00 13.85 ? 12   AIB A O    1 
HETATM 191 C CB1  . AIB A 1 13 ? 1.774   -0.977  2.172   1.00 14.57 ? 12   AIB A CB1  1 
HETATM 192 C CB2  . AIB A 1 13 ? 1.393   -0.073  4.523   1.00 13.23 ? 12   AIB A CB2  1 
HETATM 193 H H    . AIB A 1 13 ? -0.448  0.119   2.001   1.00 12.24 ? 12   AIB A H    1 
HETATM 194 H HB11 . AIB A 1 13 ? 2.328   -0.672  1.449   1.00 21.86 ? 12   AIB A HB11 1 
HETATM 195 H HB12 . AIB A 1 13 ? 0.995   -1.412  1.816   1.00 21.86 ? 12   AIB A HB12 1 
HETATM 196 H HB13 . AIB A 1 13 ? 2.268   -1.596  2.714   1.00 21.86 ? 12   AIB A HB13 1 
HETATM 197 H HB21 . AIB A 1 13 ? 2.252   0.181   4.871   1.00 19.84 ? 12   AIB A HB21 1 
HETATM 198 H HB22 . AIB A 1 13 ? 1.264   -1.016  4.645   1.00 19.84 ? 12   AIB A HB22 1 
HETATM 199 H HB23 . AIB A 1 13 ? 0.706   0.408   4.990   1.00 19.84 ? 12   AIB A HB23 1 
HETATM 200 N N    . AIB A 1 14 ? 2.053   2.068   1.605   1.00 17.26 ? 13   AIB A N    1 
HETATM 201 C CA   . AIB A 1 14 ? 2.944   3.097   1.041   1.00 19.77 ? 13   AIB A CA   1 
HETATM 202 C C    . AIB A 1 14 ? 3.534   4.033   1.997   1.00 17.82 ? 13   AIB A C    1 
HETATM 203 O O    . AIB A 1 14 ? 4.758   4.143   2.069   1.00 17.24 ? 13   AIB A O    1 
HETATM 204 C CB1  . AIB A 1 14 ? 2.430   3.564   -0.341  1.00 24.68 ? 13   AIB A CB1  1 
HETATM 205 C CB2  . AIB A 1 14 ? 4.088   2.185   0.602   1.00 21.80 ? 13   AIB A CB2  1 
HETATM 206 H H    . AIB A 1 14 ? 1.354   1.885   1.140   1.00 20.71 ? 13   AIB A H    1 
HETATM 207 H HB11 . AIB A 1 14 ? 3.159   3.929   -0.847  1.00 37.03 ? 13   AIB A HB11 1 
HETATM 208 H HB12 . AIB A 1 14 ? 1.754   4.235   -0.222  1.00 37.03 ? 13   AIB A HB12 1 
HETATM 209 H HB13 . AIB A 1 14 ? 2.057   2.816   -0.813  1.00 37.03 ? 13   AIB A HB13 1 
HETATM 210 H HB21 . AIB A 1 14 ? 4.591   2.614   -0.093  1.00 32.69 ? 13   AIB A HB21 1 
HETATM 211 H HB22 . AIB A 1 14 ? 3.728   1.358   0.271   1.00 32.69 ? 13   AIB A HB22 1 
HETATM 212 H HB23 . AIB A 1 14 ? 4.662   2.007   1.350   1.00 32.69 ? 13   AIB A HB23 1 
ATOM   213 N N    . PRO A 1 15 ? 2.693   4.793   2.657   1.00 20.19 ? 14   PRO A N    1 
ATOM   214 C CA   . PRO A 1 15 ? 3.186   5.887   3.535   1.00 20.99 ? 14   PRO A CA   1 
ATOM   215 C C    . PRO A 1 15 ? 4.019   5.341   4.663   1.00 18.00 ? 14   PRO A C    1 
ATOM   216 O O    . PRO A 1 15 ? 4.763   6.084   5.452   1.00 20.40 ? 14   PRO A O    1 
ATOM   217 C CB   . PRO A 1 15 ? 1.891   6.549   3.979   1.00 25.76 ? 14   PRO A CB   1 
ATOM   218 C CG   . PRO A 1 15 ? 0.883   5.448   3.800   1.00 28.08 ? 14   PRO A CG   1 
ATOM   219 C CD   . PRO A 1 15 ? 1.212   4.876   2.445   1.00 26.49 ? 14   PRO A CD   1 
ATOM   220 H HA   . PRO A 1 15 ? 3.717   6.520   3.008   1.00 25.19 ? 14   PRO A HA   1 
ATOM   221 H HB2  . PRO A 1 15 ? 1.941   6.834   4.905   1.00 30.92 ? 14   PRO A HB2  1 
ATOM   222 H HB3  . PRO A 1 15 ? 1.679   7.314   3.422   1.00 30.92 ? 14   PRO A HB3  1 
ATOM   223 H HG2  . PRO A 1 15 ? 0.977   4.775   4.493   1.00 33.69 ? 14   PRO A HG2  1 
ATOM   224 H HG3  . PRO A 1 15 ? -0.021  5.798   3.820   1.00 33.69 ? 14   PRO A HG3  1 
ATOM   225 H HD2  . PRO A 1 15 ? 0.808   4.006   2.301   1.00 31.79 ? 14   PRO A HD2  1 
ATOM   226 H HD3  . PRO A 1 15 ? 0.974   5.476   1.721   1.00 31.79 ? 14   PRO A HD3  1 
ATOM   227 N N    A VAL A 1 16 ? 3.723   4.066   5.132   0.50 15.00 ? 15   VAL A N    1 
ATOM   228 C CA   A VAL A 1 16 ? 4.531   3.450   6.225   0.50 13.89 ? 15   VAL A CA   1 
ATOM   229 C C    A VAL A 1 16 ? 5.974   3.344   5.743   0.50 12.38 ? 15   VAL A C    1 
ATOM   230 O O    A VAL A 1 16 ? 6.864   3.752   6.411   0.50 14.62 ? 15   VAL A O    1 
ATOM   231 C CB   A VAL A 1 16 ? 3.857   2.280   6.752   0.50 15.37 ? 15   VAL A CB   1 
ATOM   232 C CG1  A VAL A 1 16 ? 4.676   1.689   7.766   0.50 19.42 ? 15   VAL A CG1  1 
ATOM   233 C CG2  A VAL A 1 16 ? 2.507   2.703   7.316   0.50 20.89 ? 15   VAL A CG2  1 
ATOM   234 H H    A VAL A 1 16 ? 3.067   3.629   4.789   0.50 18.00 ? 15   VAL A H    1 
ATOM   235 H HA   A VAL A 1 16 ? 4.539   4.105   6.954   0.50 16.67 ? 15   VAL A HA   1 
ATOM   236 H HB   A VAL A 1 16 ? 3.718   1.632   6.029   0.50 18.44 ? 15   VAL A HB   1 
ATOM   237 H HG11 A VAL A 1 16 ? 5.598   1.750   7.507   0.50 29.12 ? 15   VAL A HG11 1 
ATOM   238 H HG12 A VAL A 1 16 ? 4.545   2.156   8.595   0.50 29.12 ? 15   VAL A HG12 1 
ATOM   239 H HG13 A VAL A 1 16 ? 4.434   0.767   7.875   0.50 29.12 ? 15   VAL A HG13 1 
ATOM   240 H HG21 A VAL A 1 16 ? 2.115   3.368   6.744   0.50 31.34 ? 15   VAL A HG21 1 
ATOM   241 H HG22 A VAL A 1 16 ? 1.927   1.940   7.365   0.50 31.34 ? 15   VAL A HG22 1 
ATOM   242 H HG23 A VAL A 1 16 ? 2.628   3.070   8.196   0.50 31.34 ? 15   VAL A HG23 1 
ATOM   243 N N    B ILE A 1 16 ? 3.723   4.066   5.132   0.50 15.00 ? 15   ILE A N    1 
ATOM   244 C CA   B ILE A 1 16 ? 4.531   3.450   6.225   0.50 13.89 ? 15   ILE A CA   1 
ATOM   245 C C    B ILE A 1 16 ? 5.974   3.344   5.743   0.50 12.38 ? 15   ILE A C    1 
ATOM   246 O O    B ILE A 1 16 ? 6.864   3.752   6.411   0.50 14.62 ? 15   ILE A O    1 
ATOM   247 C CB   B ILE A 1 16 ? 3.857   2.280   6.752   0.50 15.37 ? 15   ILE A CB   1 
ATOM   248 C CG1  B ILE A 1 16 ? 4.676   1.689   7.766   0.50 19.42 ? 15   ILE A CG1  1 
ATOM   249 C CG2  B ILE A 1 16 ? 2.507   2.703   7.316   0.50 20.89 ? 15   ILE A CG2  1 
ATOM   250 C CD1  B ILE A 1 16 ? 5.566   0.674   8.108   0.50 30.14 ? 15   ILE A CD1  1 
ATOM   251 H H    B ILE A 1 16 ? 3.067   3.629   4.789   0.50 18.00 ? 15   ILE A H    1 
ATOM   252 H HA   B ILE A 1 16 ? 4.539   4.105   6.954   0.50 16.67 ? 15   ILE A HA   1 
ATOM   253 H HB   B ILE A 1 16 ? 3.718   1.632   6.029   0.50 18.44 ? 15   ILE A HB   1 
ATOM   254 H HG12 B ILE A 1 16 ? 5.192   2.465   8.038   0.50 29.12 ? 15   ILE A HG12 1 
ATOM   255 H HG13 B ILE A 1 16 ? 4.019   1.582   8.471   0.50 29.12 ? 15   ILE A HG13 1 
ATOM   256 H HG21 B ILE A 1 16 ? 2.115   3.368   6.744   0.50 31.34 ? 15   ILE A HG21 1 
ATOM   257 H HG22 B ILE A 1 16 ? 1.927   1.940   7.365   0.50 31.34 ? 15   ILE A HG22 1 
ATOM   258 H HG23 B ILE A 1 16 ? 2.628   3.070   8.196   0.50 31.34 ? 15   ILE A HG23 1 
ATOM   259 H HD11 B ILE A 1 16 ? 6.333   0.713   7.532   0.50 45.21 ? 15   ILE A HD11 1 
ATOM   260 H HD12 B ILE A 1 16 ? 5.845   0.788   9.020   0.50 45.21 ? 15   ILE A HD12 1 
ATOM   261 H HD13 B ILE A 1 16 ? 5.134   -0.177  8.009   0.50 45.21 ? 15   ILE A HD13 1 
HETATM 262 N N    . AIB A 1 17 ? 6.131   2.689   4.590   1.00 12.63 ? 16   AIB A N    1 
HETATM 263 C CA   . AIB A 1 17 ? 7.456   2.547   4.069   1.00 14.29 ? 16   AIB A CA   1 
HETATM 264 C C    . AIB A 1 17 ? 8.097   3.959   3.943   1.00 13.24 ? 16   AIB A C    1 
HETATM 265 O O    . AIB A 1 17 ? 9.324   4.132   4.268   1.00 13.97 ? 16   AIB A O    1 
HETATM 266 C CB1  . AIB A 1 17 ? 7.418   1.970   2.607   1.00 22.31 ? 16   AIB A CB1  1 
HETATM 267 C CB2  . AIB A 1 17 ? 8.264   1.601   4.985   1.00 22.71 ? 16   AIB A CB2  1 
HETATM 268 H H    . AIB A 1 17 ? 5.454   2.362   4.172   1.00 15.16 ? 16   AIB A H    1 
HETATM 269 H HB11 . AIB A 1 17 ? 7.937   2.533   2.028   1.00 33.46 ? 16   AIB A HB11 1 
HETATM 270 H HB12 . AIB A 1 17 ? 6.510   1.943   2.299   1.00 33.46 ? 16   AIB A HB12 1 
HETATM 271 H HB13 . AIB A 1 17 ? 7.784   1.084   2.603   1.00 33.46 ? 16   AIB A HB13 1 
HETATM 272 H HB21 . AIB A 1 17 ? 9.161   1.521   4.652   1.00 34.07 ? 16   AIB A HB21 1 
HETATM 273 H HB22 . AIB A 1 17 ? 7.848   0.736   4.998   1.00 34.07 ? 16   AIB A HB22 1 
HETATM 274 H HB23 . AIB A 1 17 ? 8.285   1.959   5.876   1.00 34.07 ? 16   AIB A HB23 1 
HETATM 275 N N    . AIB A 1 18 ? 7.390   5.012   3.501   1.00 12.50 ? 17   AIB A N    1 
HETATM 276 C CA   . AIB A 1 18 ? 7.889   6.276   3.294   1.00 13.10 ? 17   AIB A CA   1 
HETATM 277 C C    . AIB A 1 18 ? 8.557   6.888   4.584   1.00 11.13 ? 17   AIB A C    1 
HETATM 278 O O    . AIB A 1 18 ? 9.512   7.581   4.535   1.00 15.66 ? 17   AIB A O    1 
HETATM 279 C CB1  . AIB A 1 18 ? 6.783   7.370   2.980   1.00 17.68 ? 17   AIB A CB1  1 
HETATM 280 C CB2  . AIB A 1 18 ? 9.058   6.432   2.267   1.00 19.23 ? 17   AIB A CB2  1 
HETATM 281 H H    . AIB A 1 18 ? 6.557   4.885   3.333   1.00 15.00 ? 17   AIB A H    1 
HETATM 282 H HB11 . AIB A 1 18 ? 7.031   7.858   2.191   1.00 26.53 ? 17   AIB A HB11 1 
HETATM 283 H HB12 . AIB A 1 18 ? 6.712   7.976   3.722   1.00 26.53 ? 17   AIB A HB12 1 
HETATM 284 H HB13 . AIB A 1 18 ? 5.937   6.939   2.837   1.00 26.53 ? 17   AIB A HB13 1 
HETATM 285 H HB21 . AIB A 1 18 ? 8.787   7.019   1.559   1.00 28.85 ? 17   AIB A HB21 1 
HETATM 286 H HB22 . AIB A 1 18 ? 9.279   5.571   1.902   1.00 28.85 ? 17   AIB A HB22 1 
HETATM 287 H HB23 . AIB A 1 18 ? 9.827   6.797   2.710   1.00 28.85 ? 17   AIB A HB23 1 
ATOM   288 N N    . GLN A 1 19 ? 8.024   6.599   5.713   1.00 9.22  ? 18   GLN A N    1 
ATOM   289 C CA   . GLN A 1 19 ? 8.478   7.100   7.015   1.00 9.84  ? 18   GLN A CA   1 
ATOM   290 C C    . GLN A 1 19 ? 9.769   6.448   7.406   1.00 9.95  ? 18   GLN A C    1 
ATOM   291 O O    . GLN A 1 19 ? 10.447  7.016   8.315   1.00 13.09 ? 18   GLN A O    1 
ATOM   292 C CB   . GLN A 1 19 ? 7.471   6.784   8.084   1.00 11.39 ? 18   GLN A CB   1 
ATOM   293 C CG   . GLN A 1 19 ? 6.111   7.381   7.770   1.00 13.21 ? 18   GLN A CG   1 
ATOM   294 C CD   . GLN A 1 19 ? 4.987   6.721   8.610   1.00 13.40 ? 18   GLN A CD   1 
ATOM   295 O OE1  . GLN A 1 19 ? 5.268   6.218   9.774   1.00 15.12 ? 18   GLN A OE1  1 
ATOM   296 N NE2  . GLN A 1 19 ? 3.839   6.926   8.118   1.00 14.18 ? 18   GLN A NE2  1 
ATOM   297 H H    . GLN A 1 19 ? 7.346   6.069   5.707   1.00 11.06 ? 18   GLN A H    1 
ATOM   298 H HA   . GLN A 1 19 ? 8.605   8.070   6.965   1.00 11.81 ? 18   GLN A HA   1 
ATOM   299 H HB2  . GLN A 1 19 ? 7.385   5.821   8.167   1.00 13.67 ? 18   GLN A HB2  1 
ATOM   300 H HB3  . GLN A 1 19 ? 7.785   7.132   8.932   1.00 13.67 ? 18   GLN A HB3  1 
ATOM   301 H HG2  . GLN A 1 19 ? 6.130   8.334   7.954   1.00 15.85 ? 18   GLN A HG2  1 
ATOM   302 H HG3  . GLN A 1 19 ? 5.918   7.263   6.827   1.00 15.85 ? 18   GLN A HG3  1 
ATOM   303 H HE21 . GLN A 1 19 ? 3.764   7.266   7.331   1.00 17.02 ? 18   GLN A HE21 1 
ATOM   304 H HE22 . GLN A 1 19 ? 3.135   6.727   8.570   1.00 17.02 ? 18   GLN A HE22 1 
ATOM   305 N N    . GLN A 1 20 ? 10.103  5.284   6.934   1.00 9.92  ? 19   GLN A N    1 
ATOM   306 C CA   . GLN A 1 20 ? 11.284  4.592   7.326   1.00 10.83 ? 19   GLN A CA   1 
ATOM   307 C C    . GLN A 1 20 ? 12.408  4.491   6.353   1.00 13.33 ? 19   GLN A C    1 
ATOM   308 O O    . GLN A 1 20 ? 13.575  4.378   6.698   1.00 15.02 ? 19   GLN A O    1 
ATOM   309 C CB   . GLN A 1 20 ? 10.851  3.124   7.701   1.00 11.91 ? 19   GLN A CB   1 
ATOM   310 C CG   . GLN A 1 20 ? 9.950   3.073   8.785   1.00 12.25 ? 19   GLN A CG   1 
ATOM   311 C CD   . GLN A 1 20 ? 10.658  3.663   10.159  1.00 15.06 ? 19   GLN A CD   1 
ATOM   312 O OE1  . GLN A 1 20 ? 11.927  3.503   10.302  1.00 15.94 ? 19   GLN A OE1  1 
ATOM   313 N NE2  . GLN A 1 20 ? 9.840   4.137   10.938  1.00 17.22 ? 19   GLN A NE2  1 
ATOM   314 H H    . GLN A 1 20 ? 9.586   4.913   6.356   1.00 11.91 ? 19   GLN A H    1 
ATOM   315 H HA   . GLN A 1 20 ? 11.628  5.020   8.138   1.00 13.00 ? 19   GLN A HA   1 
ATOM   316 H HB2  . GLN A 1 20 ? 10.437  2.711   6.928   1.00 14.29 ? 19   GLN A HB2  1 
ATOM   317 H HB3  . GLN A 1 20 ? 11.642  2.610   7.924   1.00 14.29 ? 19   GLN A HB3  1 
ATOM   318 H HG2  . GLN A 1 20 ? 9.161   3.596   8.577   1.00 14.70 ? 19   GLN A HG2  1 
ATOM   319 H HG3  . GLN A 1 20 ? 9.672   2.154   8.933   1.00 14.70 ? 19   GLN A HG3  1 
ATOM   320 H HE21 . GLN A 1 20 ? 9.011   4.186   10.713  1.00 20.66 ? 19   GLN A HE21 1 
ATOM   321 H HE22 . GLN A 1 20 ? 10.094  4.421   11.709  1.00 20.66 ? 19   GLN A HE22 1 
HETATM 322 N N    . PHL A 1 21 ? 12.147  4.752   5.058   1.00 16.41 ? 20   PHL A N    1 
HETATM 323 C CA   . PHL A 1 21 ? 13.117  4.849   4.028   1.00 19.90 ? 20   PHL A CA   1 
HETATM 324 C C    A PHL A 1 21 ? 12.727  6.026   3.152   0.33 25.30 ? 20   PHL A C    1 
HETATM 325 C C    B PHL A 1 21 ? 13.101  6.294   3.572   0.33 25.24 ? 20   PHL A C    1 
HETATM 326 C C    C PHL A 1 21 ? 13.543  6.307   3.956   0.33 24.35 ? 20   PHL A C    1 
HETATM 327 O O    A PHL A 1 21 ? 12.144  7.045   3.825   0.33 27.84 ? 20   PHL A O    1 
HETATM 328 O O    B PHL A 1 21 ? 14.035  7.095   4.106   0.33 25.79 ? 20   PHL A O    1 
HETATM 329 O O    C PHL A 1 21 ? 12.920  6.960   2.941   0.33 31.83 ? 20   PHL A O    1 
HETATM 330 C CB   . PHL A 1 21 ? 12.700  3.885   2.927   1.00 21.52 ? 20   PHL A CB   1 
HETATM 331 C CG   . PHL A 1 21 ? 12.602  2.423   3.310   1.00 22.99 ? 20   PHL A CG   1 
HETATM 332 C CD1  . PHL A 1 21 ? 11.588  1.815   2.583   1.00 29.40 ? 20   PHL A CD1  1 
HETATM 333 C CD2  . PHL A 1 21 ? 13.198  1.683   4.321   1.00 27.72 ? 20   PHL A CD2  1 
HETATM 334 C CE1  . PHL A 1 21 ? 11.160  0.522   2.835   1.00 31.02 ? 20   PHL A CE1  1 
HETATM 335 C CE2  . PHL A 1 21 ? 12.762  0.402   4.598   1.00 29.86 ? 20   PHL A CE2  1 
HETATM 336 C CZ   . PHL A 1 21 ? 11.731  -0.182  3.893   1.00 32.38 ? 20   PHL A CZ   1 
HETATM 337 H H    . PHL A 1 21 ? 11.324  4.871   4.837   1.00 19.70 ? 20   PHL A H    1 
HETATM 338 H HA   A PHL A 1 21 ? 14.055  4.809   4.308   1.00 23.88 ? 20   PHL A HA   1 
HETATM 339 H HO   A PHL A 1 21 ? 11.666  7.712   3.124   0.33 33.40 ? 20   PHL A HO   1 
HETATM 340 H HO   B PHL A 1 21 ? 14.412  7.764   3.346   0.33 30.94 ? 20   PHL A HO   1 
HETATM 341 H HO   C PHL A 1 21 ? 13.337  6.640   1.996   0.33 38.20 ? 20   PHL A HO   1 
HETATM 342 H HB2  A PHL A 1 21 ? 13.337  3.964   2.199   1.00 25.82 ? 20   PHL A HB2  1 
HETATM 343 H HB3  A PHL A 1 21 ? 11.836  4.167   2.588   1.00 25.82 ? 20   PHL A HB3  1 
HETATM 344 H HD1  . PHL A 1 21 ? 11.180  2.295   1.899   1.00 35.28 ? 20   PHL A HD1  1 
HETATM 345 H HD2  . PHL A 1 21 ? 13.896  2.050   4.815   1.00 33.27 ? 20   PHL A HD2  1 
HETATM 346 H HE1  . PHL A 1 21 ? 10.503  0.131   2.307   1.00 37.23 ? 20   PHL A HE1  1 
HETATM 347 H HE2  . PHL A 1 21 ? 13.173  -0.080  5.279   1.00 35.83 ? 20   PHL A HE2  1 
HETATM 348 H HZ   . PHL A 1 21 ? 11.423  -1.030  4.118   1.00 38.86 ? 20   PHL A HZ   1 
HETATM 349 C C    . MOH B 2 .  ? 9.784   10.820  3.278   0.50 20.42 ? 25   MOH A C    1 
HETATM 350 O O    . MOH B 2 .  ? 8.590   10.704  2.873   0.50 21.86 ? 25   MOH A O    1 
HETATM 351 O O    . HOH C 3 .  ? -12.173 -11.165 -6.285  0.50 32.34 ? 2001 HOH A O    1 
HETATM 352 O O    . HOH C 3 .  ? -1.527  4.025   5.808   0.50 17.71 ? 2002 HOH A O    1 
HETATM 353 O O    . HOH C 3 .  ? -0.265  5.035   8.613   0.50 17.28 ? 2003 HOH A O    1 
# 
loop_
_atom_site_anisotrop.id 
_atom_site_anisotrop.type_symbol 
_atom_site_anisotrop.pdbx_label_atom_id 
_atom_site_anisotrop.pdbx_label_alt_id 
_atom_site_anisotrop.pdbx_label_comp_id 
_atom_site_anisotrop.pdbx_label_asym_id 
_atom_site_anisotrop.pdbx_label_seq_id 
_atom_site_anisotrop.pdbx_PDB_ins_code 
_atom_site_anisotrop.U[1][1] 
_atom_site_anisotrop.U[2][2] 
_atom_site_anisotrop.U[3][3] 
_atom_site_anisotrop.U[1][2] 
_atom_site_anisotrop.U[1][3] 
_atom_site_anisotrop.U[2][3] 
_atom_site_anisotrop.pdbx_auth_seq_id 
_atom_site_anisotrop.pdbx_auth_comp_id 
_atom_site_anisotrop.pdbx_auth_asym_id 
_atom_site_anisotrop.pdbx_auth_atom_id 
1   C C   . ACE A 1  ? 0.2258 0.2233 0.1786 -0.0963 -0.0637 0.0237  0    ACE A C   
2   O O   . ACE A 1  ? 0.2222 0.2179 0.1854 -0.0667 -0.0572 0.0012  0    ACE A O   
3   C CH3 . ACE A 1  ? 0.2595 0.3058 0.2445 -0.0345 -0.1662 0.0491  0    ACE A CH3 
7   N N   . AIB A 2  ? 0.3017 0.1914 0.1773 -0.0316 -0.0802 0.0300  1    AIB A N   
8   C CA  . AIB A 2  ? 0.2931 0.1587 0.1797 -0.0187 -0.0799 -0.0220 1    AIB A CA  
9   C C   . AIB A 2  ? 0.2747 0.1563 0.1592 0.0034  -0.0671 -0.0189 1    AIB A C   
10  O O   . AIB A 2  ? 0.2175 0.1298 0.1813 0.0190  -0.0543 -0.0087 1    AIB A O   
11  C CB1 . AIB A 2  ? 0.2928 0.2033 0.1939 -0.0252 -0.0777 0.0178  1    AIB A CB1 
12  C CB2 . AIB A 2  ? 0.3817 0.1668 0.2122 -0.0331 -0.0263 -0.0351 1    AIB A CB2 
20  N N   . ALA A 3  ? 0.1902 0.1559 0.1430 -0.0135 -0.0500 -0.0281 2    ALA A N   
21  C CA  . ALA A 3  ? 0.1276 0.1424 0.1652 0.0140  -0.0418 -0.0371 2    ALA A CA  
22  C C   . ALA A 3  ? 0.1083 0.1551 0.1480 0.0127  -0.0440 -0.0328 2    ALA A C   
23  O O   . ALA A 3  ? 0.1161 0.1817 0.1497 0.0062  -0.0515 -0.0505 2    ALA A O   
24  C CB  . ALA A 3  ? 0.1677 0.1597 0.1514 0.0106  -0.0436 -0.0298 2    ALA A CB  
30  N N   . AIB A 4  ? 0.1061 0.1674 0.1698 0.0098  -0.0495 -0.0547 3    AIB A N   
31  C CA  . AIB A 4  ? 0.1139 0.2113 0.1854 0.0497  -0.0658 -0.0689 3    AIB A CA  
32  C C   . AIB A 4  ? 0.0946 0.1911 0.1632 0.0179  -0.0398 -0.0434 3    AIB A C   
33  O O   . AIB A 4  ? 0.1160 0.2000 0.1475 0.0244  -0.0486 -0.0695 3    AIB A O   
34  C CB1 . AIB A 4  ? 0.1044 0.4225 0.2355 0.0467  -0.0564 -0.1650 3    AIB A CB1 
35  C CB2 . AIB A 4  ? 0.2352 0.1847 0.2319 0.0845  -0.1597 -0.0661 3    AIB A CB2 
43  N N   A AIB A 5  ? 0.1533 0.1993 0.1607 -0.0066 -0.0464 -0.0428 4    AIB A N   
44  C CA  A AIB A 5  ? 0.2032 0.1982 0.1432 -0.0522 -0.0492 -0.0127 4    AIB A CA  
45  C C   A AIB A 5  ? 0.1867 0.1626 0.1739 -0.0068 -0.0727 -0.0311 4    AIB A C   
46  O O   A AIB A 5  ? 0.1882 0.1752 0.1675 0.0246  -0.0888 -0.0390 4    AIB A O   
47  C CB1 A AIB A 5  ? 0.3421 0.2077 0.1960 -0.0913 -0.0936 0.0054  4    AIB A CB1 
48  C CB2 A AIB A 5  ? 0.2726 0.3235 0.1784 -0.0138 0.0071  -0.0047 4    AIB A CB2 
56  N N   B ALA A 5  ? 0.1533 0.1993 0.1607 -0.0066 -0.0464 -0.0428 4    ALA A N   
57  C CA  B ALA A 5  ? 0.2032 0.1982 0.1432 -0.0522 -0.0492 -0.0127 4    ALA A CA  
58  C C   B ALA A 5  ? 0.1867 0.1626 0.1739 -0.0068 -0.0727 -0.0311 4    ALA A C   
59  O O   B ALA A 5  ? 0.1882 0.1752 0.1675 0.0246  -0.0888 -0.0390 4    ALA A O   
60  C CB  B ALA A 5  ? 0.3421 0.2077 0.1960 -0.0913 -0.0936 0.0054  4    ALA A CB  
66  N N   . AIB A 6  ? 0.1698 0.1731 0.2039 0.0435  -0.0840 -0.0786 5    AIB A N   
67  C CA  . AIB A 6  ? 0.1467 0.2377 0.2521 0.0780  -0.0895 -0.1182 5    AIB A CA  
68  C C   . AIB A 6  ? 0.0980 0.2311 0.2249 0.0556  -0.0525 -0.1051 5    AIB A C   
69  O O   . AIB A 6  ? 0.1052 0.2953 0.2144 0.0657  -0.0701 -0.1335 5    AIB A O   
70  C CB1 . AIB A 6  ? 0.1592 0.3228 0.3022 0.0932  -0.0595 -0.1925 5    AIB A CB1 
71  C CB2 . AIB A 6  ? 0.2441 0.2231 0.3638 0.1289  -0.1740 -0.1373 5    AIB A CB2 
79  N N   A ALA A 7  ? 0.1024 0.2327 0.1504 0.0103  -0.0339 -0.0717 6    ALA A N   
80  C CA  A ALA A 7  ? 0.1033 0.2323 0.1344 -0.0155 -0.0150 -0.0557 6    ALA A CA  
81  C C   A ALA A 7  ? 0.1113 0.1905 0.1156 -0.0012 -0.0303 -0.0336 6    ALA A C   
82  O O   A ALA A 7  ? 0.1378 0.1970 0.1234 -0.0280 -0.0414 -0.0189 6    ALA A O   
83  C CB  A ALA A 7  ? 0.2020 0.2498 0.1009 -0.0201 -0.0371 -0.0399 6    ALA A CB  
89  N N   B AIB A 7  ? 0.1024 0.2327 0.1504 0.0103  -0.0339 -0.0717 6    AIB A N   
90  C CA  B AIB A 7  ? 0.1033 0.2323 0.1344 -0.0155 -0.0150 -0.0557 6    AIB A CA  
91  C C   B AIB A 7  ? 0.1113 0.1905 0.1156 -0.0012 -0.0303 -0.0336 6    AIB A C   
92  O O   B AIB A 7  ? 0.1378 0.1970 0.1234 -0.0280 -0.0414 -0.0189 6    AIB A O   
93  C CB1 B AIB A 7  ? 0.2020 0.2498 0.1009 -0.0201 -0.0371 -0.0399 6    AIB A CB1 
94  C CB2 B AIB A 7  ? 0.1306 0.4045 0.1701 -0.0636 0.0216  -0.0864 6    AIB A CB2 
102 N N   . GLN A 8  ? 0.1077 0.1347 0.1150 0.0079  -0.0344 -0.0241 7    GLN A N   
103 C CA  . GLN A 8  ? 0.1135 0.1314 0.1058 0.0149  -0.0369 -0.0201 7    GLN A CA  
104 C C   . GLN A 8  ? 0.0938 0.1277 0.1129 0.0118  -0.0236 -0.0113 7    GLN A C   
105 O O   . GLN A 8  ? 0.0923 0.1498 0.1133 0.0170  -0.0347 -0.0296 7    GLN A O   
106 C CB  . GLN A 8  ? 0.1078 0.1609 0.1350 0.0194  -0.0318 -0.0240 7    GLN A CB  
107 C CG  . GLN A 8  ? 0.1102 0.2038 0.1270 0.0285  -0.0414 -0.0513 7    GLN A CG  
108 C CD  . GLN A 8  ? 0.1078 0.2750 0.1684 0.0064  -0.0230 -0.0466 7    GLN A CD  
109 O OE1 . GLN A 8  ? 0.2104 0.2501 0.4042 -0.0436 -0.0141 -0.0725 7    GLN A OE1 
110 N NE2 . GLN A 8  ? 0.1103 0.4348 0.3663 0.0479  -0.0698 -0.0499 7    GLN A NE2 
119 N N   . AIB A 9  ? 0.1083 0.1349 0.1195 0.0127  -0.0401 -0.0126 8    AIB A N   
120 C CA  . AIB A 9  ? 0.1205 0.1454 0.1346 0.0281  -0.0415 0.0024  8    AIB A CA  
121 C C   . AIB A 9  ? 0.0991 0.1603 0.1315 0.0332  -0.0337 -0.0195 8    AIB A C   
122 O O   . AIB A 9  ? 0.1075 0.1724 0.1281 0.0237  -0.0397 -0.0207 8    AIB A O   
123 C CB1 . AIB A 9  ? 0.1676 0.1545 0.1950 0.0474  -0.0803 -0.0467 8    AIB A CB1 
124 C CB2 . AIB A 9  ? 0.1728 0.1391 0.1242 -0.0032 -0.0401 0.0012  8    AIB A CB2 
132 N N   A VAL A 10 ? 0.0956 0.1888 0.1287 0.0317  -0.0281 -0.0278 9    VAL A N   
133 C CA  A VAL A 10 ? 0.0933 0.2299 0.1313 0.0248  -0.0174 -0.0207 9    VAL A CA  
134 C C   A VAL A 10 ? 0.0919 0.2000 0.1246 0.0091  -0.0311 0.0053  9    VAL A C   
135 O O   A VAL A 10 ? 0.0892 0.2416 0.1131 -0.0155 -0.0381 0.0029  9    VAL A O   
136 C CB  A VAL A 10 ? 0.1260 0.2776 0.1286 0.0481  -0.0140 -0.0038 9    VAL A CB  
137 C CG1 A VAL A 10 ? 0.1274 0.3145 0.1441 0.0300  -0.0046 -0.0010 9    VAL A CG1 
138 C CG2 A VAL A 10 ? 0.1130 0.3096 0.1458 0.0360  -0.0093 -0.0423 9    VAL A CG2 
148 N N   B ILE A 10 ? 0.0956 0.1888 0.1287 0.0317  -0.0281 -0.0278 9    ILE A N   
149 C CA  B ILE A 10 ? 0.0933 0.2299 0.1313 0.0248  -0.0174 -0.0207 9    ILE A CA  
150 C C   B ILE A 10 ? 0.0919 0.2000 0.1246 0.0091  -0.0311 0.0053  9    ILE A C   
151 O O   B ILE A 10 ? 0.0892 0.2416 0.1131 -0.0155 -0.0381 0.0029  9    ILE A O   
152 C CB  B ILE A 10 ? 0.1260 0.2776 0.1286 0.0481  -0.0140 -0.0038 9    ILE A CB  
153 C CG1 B ILE A 10 ? 0.1130 0.3096 0.1458 0.0360  -0.0093 -0.0423 9    ILE A CG1 
154 C CG2 B ILE A 10 ? 0.1274 0.3145 0.1441 0.0300  -0.0046 -0.0010 9    ILE A CG2 
155 C CD1 B ILE A 10 ? 0.1204 0.2557 0.2439 0.0366  0.0178  0.0208  9    ILE A CD1 
167 N N   . AIB A 11 ? 0.0946 0.1772 0.1235 0.0083  -0.0492 -0.0004 10   AIB A N   
168 C CA  . AIB A 11 ? 0.1188 0.1499 0.1571 -0.0001 -0.0526 0.0098  10   AIB A CA  
169 C C   . AIB A 11 ? 0.1037 0.1514 0.1552 0.0142  -0.0708 -0.0127 10   AIB A C   
170 O O   . AIB A 11 ? 0.1496 0.1638 0.2121 0.0016  -0.0879 -0.0233 10   AIB A O   
171 C CB1 . AIB A 11 ? 0.1268 0.1568 0.1997 0.0231  -0.1029 -0.0272 10   AIB A CB1 
172 C CB2 . AIB A 11 ? 0.1732 0.1961 0.1991 -0.0245 -0.0787 0.0545  10   AIB A CB2 
180 N N   . GLY A 12 ? 0.0780 0.1715 0.1285 0.0241  -0.0360 -0.0205 11   GLY A N   
181 C CA  . GLY A 12 ? 0.1021 0.2123 0.1298 0.0538  -0.0373 -0.0406 11   GLY A CA  
182 C C   . GLY A 12 ? 0.1192 0.1973 0.1497 0.0534  -0.0545 -0.0493 11   GLY A C   
183 O O   . GLY A 12 ? 0.1702 0.2291 0.2032 0.0748  -0.0957 -0.1007 11   GLY A O   
187 N N   . AIB A 13 ? 0.0811 0.1921 0.1142 0.0288  -0.0406 -0.0339 12   AIB A N   
188 C CA  . AIB A 13 ? 0.0955 0.2178 0.1299 0.0425  -0.0575 -0.0151 12   AIB A CA  
189 C C   . AIB A 13 ? 0.0843 0.3197 0.1055 0.0016  -0.0381 0.0009  12   AIB A C   
190 O O   . AIB A 13 ? 0.0824 0.3220 0.1218 0.0145  -0.0375 -0.0429 12   AIB A O   
191 C CB1 . AIB A 13 ? 0.1109 0.3076 0.1351 0.0967  -0.0407 -0.0351 12   AIB A CB1 
192 C CB2 . AIB A 13 ? 0.1572 0.2122 0.1334 0.0443  -0.0472 -0.0059 12   AIB A CB2 
200 N N   . AIB A 14 ? 0.1249 0.3862 0.1448 -0.0759 -0.0628 0.0517  13   AIB A N   
201 C CA  . AIB A 14 ? 0.1439 0.4108 0.1964 -0.1144 -0.0608 0.0551  13   AIB A CA  
202 C C   . AIB A 14 ? 0.1248 0.3505 0.2016 -0.0503 -0.0614 0.0602  13   AIB A C   
203 O O   . AIB A 14 ? 0.1180 0.3844 0.1527 -0.0848 -0.0546 0.0417  13   AIB A O   
204 C CB1 . AIB A 14 ? 0.2675 0.4661 0.2043 -0.1632 -0.0890 0.1025  13   AIB A CB1 
205 C CB2 . AIB A 14 ? 0.1898 0.4634 0.1750 -0.1091 -0.0263 -0.0260 13   AIB A CB2 
213 N N   . PRO A 15 ? 0.1430 0.3235 0.3007 0.0120  -0.0843 0.0693  14   PRO A N   
214 C CA  . PRO A 15 ? 0.1765 0.2739 0.3472 -0.0054 -0.0439 0.0663  14   PRO A CA  
215 C C   . PRO A 15 ? 0.1832 0.2129 0.2879 -0.0187 -0.0374 0.0154  14   PRO A C   
216 O O   . PRO A 15 ? 0.2583 0.2572 0.2599 -0.0814 -0.0046 0.0006  14   PRO A O   
217 C CB  . PRO A 15 ? 0.1861 0.3323 0.4604 0.0228  -0.0402 0.0226  14   PRO A CB  
218 C CG  . PRO A 15 ? 0.1545 0.3715 0.5408 0.0252  -0.0340 -0.0269 14   PRO A CG  
219 C CD  . PRO A 15 ? 0.1479 0.3753 0.4833 0.0073  -0.0732 0.0124  14   PRO A CD  
227 N N   A VAL A 16 ? 0.1380 0.2210 0.2109 -0.0291 0.0031  0.0064  15   VAL A N   
228 C CA  A VAL A 16 ? 0.1826 0.1996 0.1455 -0.0428 0.0079  -0.0299 15   VAL A CA  
229 C C   A VAL A 16 ? 0.1556 0.2055 0.1093 -0.0380 -0.0318 -0.0444 15   VAL A C   
230 O O   A VAL A 16 ? 0.1969 0.2395 0.1192 -0.0811 -0.0635 -0.0155 15   VAL A O   
231 C CB  A VAL A 16 ? 0.2398 0.2216 0.1225 -0.0689 0.0068  -0.0234 15   VAL A CB  
232 C CG1 A VAL A 16 ? 0.3606 0.2271 0.1500 -0.0407 -0.0332 -0.0081 15   VAL A CG1 
233 C CG2 A VAL A 16 ? 0.2759 0.2837 0.2342 -0.0643 0.0900  0.0004  15   VAL A CG2 
243 N N   B ILE A 16 ? 0.1380 0.2210 0.2109 -0.0291 0.0031  0.0064  15   ILE A N   
244 C CA  B ILE A 16 ? 0.1826 0.1996 0.1455 -0.0428 0.0079  -0.0299 15   ILE A CA  
245 C C   B ILE A 16 ? 0.1556 0.2055 0.1093 -0.0380 -0.0318 -0.0444 15   ILE A C   
246 O O   B ILE A 16 ? 0.1969 0.2395 0.1192 -0.0811 -0.0635 -0.0155 15   ILE A O   
247 C CB  B ILE A 16 ? 0.2398 0.2216 0.1225 -0.0689 0.0068  -0.0234 15   ILE A CB  
248 C CG1 B ILE A 16 ? 0.3606 0.2271 0.1500 -0.0407 -0.0332 -0.0081 15   ILE A CG1 
249 C CG2 B ILE A 16 ? 0.2759 0.2837 0.2342 -0.0643 0.0900  0.0004  15   ILE A CG2 
250 C CD1 B ILE A 16 ? 0.4450 0.4288 0.2713 0.1140  -0.1157 -0.0645 15   ILE A CD1 
262 N N   . AIB A 17 ? 0.1301 0.2094 0.1404 -0.0039 -0.0508 -0.0663 16   AIB A N   
263 C CA  . AIB A 17 ? 0.1369 0.2250 0.1809 0.0156  -0.0366 -0.0679 16   AIB A CA  
264 C C   . AIB A 17 ? 0.1001 0.2380 0.1648 0.0233  -0.0348 -0.0396 16   AIB A C   
265 O O   . AIB A 17 ? 0.1158 0.2242 0.1909 0.0134  -0.0515 -0.0421 16   AIB A O   
266 C CB1 . AIB A 17 ? 0.1904 0.3889 0.2681 0.0121  -0.0027 -0.2039 16   AIB A CB1 
267 C CB2 . AIB A 17 ? 0.2447 0.1749 0.4432 0.0523  -0.1757 -0.0688 16   AIB A CB2 
275 N N   . AIB A 18 ? 0.1088 0.2495 0.1165 -0.0035 -0.0398 -0.0075 17   AIB A N   
276 C CA  . AIB A 18 ? 0.1089 0.2639 0.1251 -0.0056 -0.0183 0.0215  17   AIB A CA  
277 C C   . AIB A 18 ? 0.1067 0.1853 0.1311 -0.0171 -0.0117 0.0484  17   AIB A C   
278 O O   . AIB A 18 ? 0.1928 0.2430 0.1595 -0.0875 -0.0176 0.0418  17   AIB A O   
279 C CB1 . AIB A 18 ? 0.2323 0.3059 0.1337 0.0617  -0.0502 0.0676  17   AIB A CB1 
280 C CB2 . AIB A 18 ? 0.1900 0.3989 0.1419 -0.0300 0.0275  0.0352  17   AIB A CB2 
288 N N   . GLN A 19 ? 0.0863 0.1390 0.1249 0.0019  -0.0003 0.0143  18   GLN A N   
289 C CA  . GLN A 19 ? 0.1023 0.1239 0.1478 -0.0200 0.0038  -0.0042 18   GLN A CA  
290 C C   . GLN A 19 ? 0.0992 0.1532 0.1256 -0.0126 -0.0041 -0.0014 18   GLN A C   
291 O O   . GLN A 19 ? 0.1221 0.1982 0.1772 -0.0462 -0.0146 -0.0359 18   GLN A O   
292 C CB  . GLN A 19 ? 0.1067 0.1843 0.1419 -0.0200 0.0031  -0.0639 18   GLN A CB  
293 C CG  . GLN A 19 ? 0.1092 0.1703 0.2224 -0.0142 0.0204  -0.0588 18   GLN A CG  
294 C CD  . GLN A 19 ? 0.1293 0.1786 0.2013 -0.0035 0.0406  -0.0576 18   GLN A CD  
295 O OE1 . GLN A 19 ? 0.1195 0.1903 0.2645 -0.0162 0.0128  -0.0099 18   GLN A OE1 
296 N NE2 . GLN A 19 ? 0.1264 0.2269 0.1856 -0.0383 0.0379  -0.0405 18   GLN A NE2 
305 N N   . GLN A 20 ? 0.1199 0.1494 0.1077 0.0106  -0.0427 -0.0002 19   GLN A N   
306 C CA  . GLN A 20 ? 0.1261 0.1783 0.1072 0.0161  -0.0465 0.0061  19   GLN A CA  
307 C C   . GLN A 20 ? 0.1118 0.2542 0.1405 0.0207  -0.0341 0.0167  19   GLN A C   
308 O O   . GLN A 20 ? 0.1151 0.2724 0.1832 0.0243  -0.0473 0.0490  19   GLN A O   
309 C CB  . GLN A 20 ? 0.1282 0.1730 0.1515 0.0386  -0.0281 0.0200  19   GLN A CB  
310 C CG  . GLN A 20 ? 0.1248 0.1524 0.1882 0.0396  -0.0165 0.0411  19   GLN A CG  
311 C CD  . GLN A 20 ? 0.1706 0.2587 0.1426 0.0834  -0.0157 0.0279  19   GLN A CD  
312 O OE1 . GLN A 20 ? 0.1543 0.3201 0.1314 0.0516  -0.0149 0.0200  19   GLN A OE1 
313 N NE2 . GLN A 20 ? 0.1949 0.3223 0.1369 0.0973  0.0155  0.0634  19   GLN A NE2 
322 N N   . PHL A 21 ? 0.1211 0.3696 0.1331 0.0469  -0.0195 0.0327  20   PHL A N   
323 C CA  . PHL A 21 ? 0.1762 0.3706 0.2092 0.0189  0.0500  0.0486  20   PHL A CA  
330 C CB  . PHL A 21 ? 0.2060 0.3954 0.2163 0.0766  0.0628  0.0032  20   PHL A CB  
331 C CG  . PHL A 21 ? 0.2692 0.3843 0.2199 0.0620  0.1214  -0.0083 20   PHL A CG  
332 C CD1 . PHL A 21 ? 0.3473 0.3974 0.3722 0.0620  0.0496  -0.0690 20   PHL A CD1 
333 C CD2 . PHL A 21 ? 0.4639 0.3774 0.2120 0.0538  0.0883  0.0110  20   PHL A CD2 
334 C CE1 . PHL A 21 ? 0.3794 0.3784 0.4210 0.0687  0.0319  -0.0905 20   PHL A CE1 
335 C CE2 . PHL A 21 ? 0.5165 0.3707 0.2473 0.0345  0.0683  -0.0138 20   PHL A CE2 
336 C CZ  . PHL A 21 ? 0.4652 0.3932 0.3719 0.0670  0.0615  -0.0733 20   PHL A CZ  
349 C C   . MOH B .  ? 0.2903 0.2361 0.2495 -0.0849 -0.0041 0.0543  25   MOH A C   
350 O O   . MOH B .  ? 0.2501 0.2539 0.3266 -0.0754 0.0495  -0.0295 25   MOH A O   
351 O O   . HOH C .  ? 0.2591 0.3961 0.5736 0.0172  -0.0653 -0.0402 2001 HOH A O   
352 O O   . HOH C .  ? 0.1829 0.1724 0.3178 -0.0088 0.0844  -0.0453 2002 HOH A O   
353 O O   . HOH C .  ? 0.1693 0.3189 0.1684 -0.1070 -0.0050 -0.0533 2003 HOH A O   
# 
